data_6U1N
#
_entry.id   6U1N
#
_cell.length_a   1.00
_cell.length_b   1.00
_cell.length_c   1.00
_cell.angle_alpha   90.00
_cell.angle_beta   90.00
_cell.angle_gamma   90.00
#
_symmetry.space_group_name_H-M   'P 1'
#
loop_
_entity.id
_entity.type
_entity.pdbx_description
1 polymer 'Muscarinic acetylcholine receptor M2, Vasopressin V2 receptor chimera'
2 polymer Beta-arrestin-1
3 polymer 'Fab30 heavy chain'
4 polymer 'Fab30 light chain'
5 non-polymer 3-amino-5-chloro-N-cyclopropyl-4-methyl-6-[2-(4-methylpiperazin-1-yl)-2-oxoethoxy]thieno[2,3-b]pyridine-2-carboxamide
#
loop_
_entity_poly.entity_id
_entity_poly.type
_entity_poly.pdbx_seq_one_letter_code
_entity_poly.pdbx_strand_id
1 'polypeptide(L)'
;DYKDDDDKNNSTNSSNNSLALTSPYKTFEVVFIVLVAGSLSLVTIIGNILVMVSIKVNRHLQTVNNYFLFSLACADLIIG
VFSMNLYTLYTVIGYWPLGPVVCDLWLALDYVVSNASVMNLLIISFDRYFCVTKPLTYPVKRTTKMAGMMIAAAWVLSFI
LWAPAILFWQFIVGVRTVEDGECYIQFFSNAAVTFGTAIAAFYLPVIIMTVLYWHISRASKSRIKKDKKEPVANQDPVSP
SLVQGRIVKPNNNNMPSSDDGLEHNKIQNGKAPRDPVTENCVQGEEKESSNDSTSVSAVASNMRDDEITQDENTVSTSLG
HSKDENSKQTCIRIGTKTPKSDSCTPTNTTVEVVGSSGQNGDEKQNIVARKIVKMTKQPAKKKPPPSREKKVTRTILAIL
LAFIITWAPYNVMVLINTFCAPCIPNTVWTIGYWLCYINSTINPACYALCNATFKKTFKHLLMCHYKNIGATRLPETGGG
ARGRTPPSLGPQDE(SEP)C(TPO)(TPO)A(SEP)(SEP)(SEP)LAKDTSS
;
R
2 'polypeptide(L)'
;GSPEFPGRLGDKGTRVFKKASPNGKLTVYLGKRDFVDHIDLVDPVDGVVLVDPEYLKERRVYVTLTVAFRYGREDLDVLG
LTFRKDLFVANVQSFPPAPEDKKPLTRLQERLIKKLGEHAYPFTFEIPPNLPSSVTLQPGPEDTGKALGVDYEVKAFVAE
NLEEKIHKRNSVRLVIRKVQYAPERPGPQPTAETTRQFLMSDKPLHLEASLDKEIYYHGEPISVNVHVTNNTNKTVKKIK
ISVRQYADIVLFNTAQYKVPVAMEEADDTVAPSSTFSKVYTLTPFLANNREKRGLALDGKLKHEDTNLASSTLLREGANR
EILGIIVSYKVKVKLVVSRGGLLGDLASSDVAVELPFTLMHPKPKEEPPHREVPESETPVDTNLIELDTNDDDIVFEDFA
R
;
C
3 'polypeptide(L)'
;EISEVQLVESGGGLVQPGGSLRLSCAASGFNVYSSSIHWVRQAPGKGLEWVASISSYYGYTYYADSVKGRFTISADTSKN
TAYLQMNSLRAEDTAVYYCARSRQFWYSGLDYWGQGTLVTVSSASTKGPSVFPLAPSSKSTSGGTAALGCLVKDYFPEPV
TVSWNSGALTSGVHTFPAVLQSSGLYSLSSVVTVPSSSLGTQTYICNVNHKPSNTKVDKKVEPKSCDKTHHHHHHHH
;
H
4 'polypeptide(L)'
;SDIQMTQSPSSLSASVGDRVTITCRASQSVSSAVAWYQQKPGKAPKLLIYSASSLYSGVPSRFSGSRSGTDFTLTISSLQ
PEDFATYYCQQYKYVPVTFGQGTKVEIKRTVAAPSVFIFPPSDSQLKSGTASVVCLLNNFYPREAKVQWKVDNALQSGNS
QESVTEQDSKDSTYSLSSTLTLSKADYEKHKVYACEVTHQGLSSPVTKSFNRGEC
;
L
#
# COMPACT_ATOMS: atom_id res chain seq x y z
N THR A 27 -31.88 12.15 59.66
CA THR A 27 -32.60 11.89 58.44
C THR A 27 -32.15 12.83 57.33
N PHE A 28 -31.15 13.65 57.62
CA PHE A 28 -30.57 14.51 56.60
C PHE A 28 -29.64 13.72 55.69
N GLU A 29 -28.87 12.79 56.27
CA GLU A 29 -28.12 11.84 55.45
C GLU A 29 -29.08 11.05 54.56
N VAL A 30 -30.25 10.69 55.08
CA VAL A 30 -31.27 10.07 54.26
C VAL A 30 -31.68 11.01 53.14
N VAL A 31 -31.75 12.31 53.43
CA VAL A 31 -32.03 13.28 52.37
C VAL A 31 -30.80 13.50 51.50
N PHE A 32 -29.63 13.07 51.99
CA PHE A 32 -28.40 13.26 51.22
C PHE A 32 -28.03 11.98 50.47
N ILE A 33 -28.06 10.84 51.14
CA ILE A 33 -27.61 9.59 50.52
C ILE A 33 -28.62 9.13 49.47
N VAL A 34 -29.92 9.25 49.75
CA VAL A 34 -30.92 8.85 48.78
C VAL A 34 -30.87 9.76 47.55
N LEU A 35 -30.34 10.98 47.71
CA LEU A 35 -30.13 11.84 46.56
C LEU A 35 -29.05 11.29 45.64
N VAL A 36 -28.03 10.63 46.20
CA VAL A 36 -26.99 10.01 45.38
C VAL A 36 -27.57 8.84 44.59
N ALA A 37 -28.62 8.20 45.13
CA ALA A 37 -29.25 7.09 44.43
C ALA A 37 -29.80 7.52 43.08
N GLY A 38 -30.70 8.49 43.08
CA GLY A 38 -31.21 9.03 41.83
C GLY A 38 -30.13 9.70 41.01
N SER A 39 -29.09 10.22 41.67
CA SER A 39 -28.02 10.91 40.97
C SER A 39 -27.24 9.96 40.07
N LEU A 40 -26.72 8.87 40.64
CA LEU A 40 -25.95 7.93 39.85
C LEU A 40 -26.83 6.98 39.04
N SER A 41 -28.15 7.10 39.20
CA SER A 41 -29.06 6.18 38.52
C SER A 41 -29.07 6.42 37.01
N LEU A 42 -29.49 7.62 36.60
CA LEU A 42 -29.64 7.89 35.18
C LEU A 42 -28.38 8.49 34.58
N VAL A 43 -27.44 8.92 35.42
CA VAL A 43 -26.23 9.58 34.93
C VAL A 43 -25.51 8.72 33.92
N THR A 44 -25.18 7.48 34.31
CA THR A 44 -24.51 6.58 33.37
C THR A 44 -25.47 6.12 32.28
N ILE A 45 -26.78 6.10 32.56
CA ILE A 45 -27.74 5.66 31.56
C ILE A 45 -27.83 6.66 30.42
N ILE A 46 -27.59 7.94 30.72
CA ILE A 46 -27.75 8.98 29.69
C ILE A 46 -26.67 8.85 28.63
N GLY A 47 -25.40 8.97 29.01
CA GLY A 47 -24.31 8.87 28.07
C GLY A 47 -24.22 7.52 27.39
N ASN A 48 -24.87 6.50 27.96
CA ASN A 48 -24.86 5.17 27.35
C ASN A 48 -25.48 5.20 25.97
N ILE A 49 -26.67 5.79 25.85
CA ILE A 49 -27.33 5.84 24.55
C ILE A 49 -26.61 6.80 23.61
N LEU A 50 -25.89 7.79 24.16
CA LEU A 50 -25.21 8.76 23.32
C LEU A 50 -24.19 8.08 22.41
N VAL A 51 -23.25 7.33 22.98
CA VAL A 51 -22.27 6.64 22.17
C VAL A 51 -22.93 5.50 21.39
N MET A 52 -23.97 4.89 21.95
CA MET A 52 -24.67 3.81 21.26
C MET A 52 -25.32 4.28 19.98
N VAL A 53 -25.55 5.58 19.83
CA VAL A 53 -26.17 6.10 18.61
C VAL A 53 -25.13 6.69 17.66
N SER A 54 -23.95 7.06 18.18
CA SER A 54 -22.92 7.64 17.32
C SER A 54 -22.45 6.65 16.26
N ILE A 55 -22.62 5.35 16.51
CA ILE A 55 -22.29 4.36 15.50
C ILE A 55 -23.33 4.37 14.39
N LYS A 56 -24.55 4.80 14.69
CA LYS A 56 -25.62 4.92 13.72
C LYS A 56 -25.84 6.35 13.24
N VAL A 57 -25.84 7.31 14.16
CA VAL A 57 -25.98 8.71 13.77
C VAL A 57 -24.71 9.20 13.08
N ASN A 58 -23.58 9.16 13.79
CA ASN A 58 -22.30 9.61 13.24
C ASN A 58 -21.68 8.45 12.48
N ARG A 59 -22.34 8.09 11.36
CA ARG A 59 -21.87 7.02 10.50
C ARG A 59 -20.53 7.34 9.85
N HIS A 60 -20.06 8.58 9.94
CA HIS A 60 -18.73 8.94 9.50
C HIS A 60 -17.70 8.87 10.63
N LEU A 61 -18.11 9.09 11.87
CA LEU A 61 -17.24 8.88 13.02
C LEU A 61 -17.65 7.53 13.62
N GLN A 62 -17.19 6.46 12.99
CA GLN A 62 -17.51 5.10 13.41
C GLN A 62 -16.60 4.15 12.65
N THR A 63 -15.90 3.28 13.38
CA THR A 63 -15.08 2.24 12.78
C THR A 63 -15.33 0.93 13.51
N VAL A 64 -15.00 -0.18 12.85
CA VAL A 64 -15.13 -1.49 13.50
C VAL A 64 -14.22 -1.55 14.72
N ASN A 65 -12.98 -1.07 14.58
CA ASN A 65 -12.10 -0.94 15.73
C ASN A 65 -12.66 0.01 16.78
N ASN A 66 -13.51 0.96 16.37
CA ASN A 66 -14.25 1.77 17.32
C ASN A 66 -15.62 1.20 17.63
N TYR A 67 -16.08 0.20 16.85
CA TYR A 67 -17.34 -0.45 17.16
C TYR A 67 -17.22 -1.32 18.41
N PHE A 68 -16.01 -1.83 18.70
CA PHE A 68 -15.81 -2.56 19.93
C PHE A 68 -16.07 -1.68 21.14
N LEU A 69 -15.62 -0.43 21.09
CA LEU A 69 -15.92 0.52 22.15
C LEU A 69 -17.43 0.77 22.26
N PHE A 70 -18.13 0.63 21.13
CA PHE A 70 -19.59 0.75 21.17
C PHE A 70 -20.23 -0.48 21.80
N SER A 71 -19.64 -1.66 21.54
CA SER A 71 -20.12 -2.87 22.18
C SER A 71 -20.01 -2.77 23.69
N LEU A 72 -19.00 -2.04 24.18
CA LEU A 72 -18.90 -1.77 25.61
C LEU A 72 -20.15 -1.07 26.11
N ALA A 73 -20.43 0.14 25.59
CA ALA A 73 -21.64 0.85 25.97
C ALA A 73 -22.89 0.04 25.65
N CYS A 74 -22.83 -0.81 24.63
CA CYS A 74 -23.94 -1.72 24.37
C CYS A 74 -24.21 -2.60 25.59
N ALA A 75 -23.15 -3.09 26.23
CA ALA A 75 -23.33 -3.82 27.47
C ALA A 75 -23.32 -2.89 28.68
N ASP A 76 -22.51 -1.83 28.62
CA ASP A 76 -22.41 -0.92 29.76
C ASP A 76 -23.68 -0.11 29.99
N LEU A 77 -24.71 -0.30 29.18
CA LEU A 77 -25.95 0.46 29.36
C LEU A 77 -26.92 -0.26 30.29
N ILE A 78 -27.12 -1.57 30.06
CA ILE A 78 -28.12 -2.31 30.83
C ILE A 78 -27.79 -2.30 32.31
N ILE A 79 -26.50 -2.30 32.65
CA ILE A 79 -26.09 -2.32 34.04
C ILE A 79 -26.61 -1.07 34.76
N GLY A 80 -26.28 0.12 34.24
CA GLY A 80 -26.77 1.34 34.84
C GLY A 80 -28.26 1.57 34.67
N VAL A 81 -28.93 0.77 33.84
CA VAL A 81 -30.34 0.97 33.57
C VAL A 81 -31.17 0.05 34.47
N PHE A 82 -30.96 -1.25 34.33
CA PHE A 82 -31.73 -2.22 35.11
C PHE A 82 -30.98 -2.63 36.38
N SER A 83 -29.70 -2.97 36.25
CA SER A 83 -28.97 -3.56 37.37
C SER A 83 -28.66 -2.51 38.43
N MET A 84 -27.93 -1.45 38.07
CA MET A 84 -27.52 -0.46 39.06
C MET A 84 -28.74 0.24 39.66
N ASN A 85 -29.87 0.21 38.98
CA ASN A 85 -31.08 0.83 39.51
C ASN A 85 -31.75 -0.08 40.54
N LEU A 86 -32.00 -1.34 40.18
CA LEU A 86 -32.75 -2.23 41.07
C LEU A 86 -31.96 -2.57 42.32
N TYR A 87 -30.64 -2.70 42.20
CA TYR A 87 -29.83 -3.02 43.37
C TYR A 87 -29.94 -1.93 44.43
N THR A 88 -30.08 -0.67 44.01
CA THR A 88 -30.27 0.41 44.97
C THR A 88 -31.53 0.20 45.80
N LEU A 89 -32.56 -0.41 45.22
CA LEU A 89 -33.79 -0.65 45.96
C LEU A 89 -33.56 -1.64 47.10
N TYR A 90 -32.93 -2.78 46.79
CA TYR A 90 -32.64 -3.76 47.83
C TYR A 90 -31.68 -3.20 48.87
N THR A 91 -30.71 -2.40 48.43
CA THR A 91 -29.75 -1.81 49.37
C THR A 91 -30.43 -0.80 50.28
N VAL A 92 -31.35 -0.01 49.74
CA VAL A 92 -32.02 1.00 50.55
C VAL A 92 -33.05 0.35 51.47
N ILE A 93 -33.90 -0.52 50.93
CA ILE A 93 -34.94 -1.16 51.73
C ILE A 93 -34.35 -2.11 52.76
N GLY A 94 -33.06 -2.44 52.66
CA GLY A 94 -32.44 -3.38 53.57
C GLY A 94 -32.66 -4.81 53.14
N TYR A 95 -33.80 -5.07 52.51
CA TYR A 95 -34.14 -6.37 51.98
C TYR A 95 -34.46 -6.25 50.49
N TRP A 96 -34.54 -7.40 49.83
CA TRP A 96 -34.95 -7.44 48.43
C TRP A 96 -36.31 -8.11 48.35
N PRO A 97 -37.40 -7.38 48.65
CA PRO A 97 -38.74 -8.00 48.57
C PRO A 97 -39.15 -8.39 47.18
N LEU A 98 -38.37 -8.01 46.16
CA LEU A 98 -38.64 -8.45 44.79
C LEU A 98 -38.76 -9.97 44.71
N GLY A 99 -38.05 -10.69 45.58
CA GLY A 99 -38.23 -12.11 45.70
C GLY A 99 -37.11 -12.92 45.08
N PRO A 100 -37.00 -14.18 45.49
CA PRO A 100 -35.98 -15.05 44.86
C PRO A 100 -36.21 -15.23 43.38
N VAL A 101 -37.47 -15.38 42.96
CA VAL A 101 -37.80 -15.41 41.54
C VAL A 101 -37.32 -14.15 40.84
N VAL A 102 -37.16 -13.04 41.57
CA VAL A 102 -36.60 -11.84 40.97
C VAL A 102 -35.08 -11.88 40.98
N CYS A 103 -34.48 -12.23 42.11
CA CYS A 103 -33.05 -12.52 42.13
C CYS A 103 -32.69 -13.72 41.25
N ASP A 104 -33.68 -14.40 40.67
CA ASP A 104 -33.39 -15.48 39.75
C ASP A 104 -32.75 -14.94 38.47
N LEU A 105 -33.47 -14.06 37.76
CA LEU A 105 -32.95 -13.55 36.50
C LEU A 105 -32.19 -12.25 36.68
N TRP A 106 -32.58 -11.42 37.63
CA TRP A 106 -31.97 -10.10 37.77
C TRP A 106 -30.50 -10.22 38.15
N LEU A 107 -30.21 -10.85 39.29
CA LEU A 107 -28.82 -11.04 39.68
C LEU A 107 -28.05 -11.84 38.64
N ALA A 108 -28.74 -12.72 37.91
CA ALA A 108 -28.11 -13.41 36.79
C ALA A 108 -27.60 -12.42 35.75
N LEU A 109 -28.38 -11.39 35.48
CA LEU A 109 -27.95 -10.38 34.50
C LEU A 109 -26.69 -9.67 34.95
N ASP A 110 -26.64 -9.24 36.21
CA ASP A 110 -25.52 -8.43 36.70
C ASP A 110 -24.19 -9.13 36.44
N TYR A 111 -24.10 -10.42 36.77
CA TYR A 111 -22.87 -11.16 36.54
C TYR A 111 -22.64 -11.39 35.05
N VAL A 112 -23.63 -11.95 34.36
CA VAL A 112 -23.50 -12.23 32.94
C VAL A 112 -23.14 -10.98 32.15
N VAL A 113 -23.71 -9.83 32.55
CA VAL A 113 -23.37 -8.58 31.88
C VAL A 113 -21.95 -8.16 32.22
N SER A 114 -21.65 -8.00 33.51
CA SER A 114 -20.32 -7.54 33.91
C SER A 114 -19.24 -8.49 33.40
N ASN A 115 -19.50 -9.79 33.41
CA ASN A 115 -18.55 -10.73 32.82
C ASN A 115 -18.41 -10.50 31.32
N ALA A 116 -19.51 -10.19 30.64
CA ALA A 116 -19.44 -9.94 29.21
C ALA A 116 -18.63 -8.69 28.90
N SER A 117 -18.81 -7.63 29.71
CA SER A 117 -18.05 -6.41 29.50
C SER A 117 -16.56 -6.67 29.53
N VAL A 118 -16.09 -7.36 30.56
CA VAL A 118 -14.67 -7.66 30.66
C VAL A 118 -14.22 -8.58 29.54
N MET A 119 -15.07 -9.53 29.14
CA MET A 119 -14.73 -10.40 28.02
C MET A 119 -14.47 -9.58 26.76
N ASN A 120 -15.28 -8.55 26.53
CA ASN A 120 -15.04 -7.67 25.40
C ASN A 120 -13.78 -6.83 25.61
N LEU A 121 -13.60 -6.31 26.83
CA LEU A 121 -12.41 -5.52 27.13
C LEU A 121 -11.14 -6.31 26.86
N LEU A 122 -11.22 -7.65 26.90
CA LEU A 122 -10.09 -8.46 26.46
C LEU A 122 -9.79 -8.22 25.00
N ILE A 123 -10.82 -8.24 24.15
CA ILE A 123 -10.62 -7.93 22.73
C ILE A 123 -10.08 -6.53 22.58
N ILE A 124 -10.60 -5.59 23.37
CA ILE A 124 -10.12 -4.21 23.35
C ILE A 124 -8.68 -4.10 23.81
N SER A 125 -8.09 -5.21 24.26
CA SER A 125 -6.68 -5.21 24.62
C SER A 125 -5.84 -6.05 23.69
N PHE A 126 -6.36 -6.39 22.50
CA PHE A 126 -5.60 -7.17 21.54
C PHE A 126 -5.34 -6.40 20.26
N ASP A 127 -6.37 -5.78 19.69
CA ASP A 127 -6.15 -4.81 18.62
C ASP A 127 -5.13 -3.78 19.06
N ARG A 128 -5.31 -3.23 20.27
CA ARG A 128 -4.32 -2.31 20.82
C ARG A 128 -2.95 -2.95 20.90
N TYR A 129 -2.89 -4.28 20.91
CA TYR A 129 -1.60 -4.94 20.81
C TYR A 129 -1.27 -5.24 19.36
N PHE A 130 -2.15 -5.95 18.67
CA PHE A 130 -1.92 -6.32 17.27
C PHE A 130 -1.49 -5.12 16.44
N CYS A 131 -2.27 -4.05 16.50
CA CYS A 131 -1.90 -2.83 15.80
C CYS A 131 -0.52 -2.36 16.25
N VAL A 132 -0.36 -2.08 17.54
CA VAL A 132 0.89 -1.51 18.01
C VAL A 132 2.06 -2.48 17.83
N THR A 133 1.78 -3.78 17.75
CA THR A 133 2.88 -4.72 17.57
C THR A 133 3.08 -5.07 16.10
N LYS A 134 2.06 -5.66 15.47
CA LYS A 134 2.15 -6.05 14.06
C LYS A 134 1.13 -5.23 13.29
N PRO A 135 1.48 -4.01 12.89
CA PRO A 135 0.45 -3.07 12.41
C PRO A 135 -0.15 -3.47 11.08
N LEU A 136 0.51 -4.30 10.30
CA LEU A 136 0.09 -4.48 8.92
C LEU A 136 -0.87 -5.65 8.74
N THR A 137 -0.63 -6.76 9.45
CA THR A 137 -1.50 -7.91 9.24
C THR A 137 -2.88 -7.70 9.84
N TYR A 138 -2.97 -6.93 10.93
CA TYR A 138 -4.18 -6.94 11.75
C TYR A 138 -5.39 -6.35 11.03
N PRO A 139 -5.34 -5.10 10.55
CA PRO A 139 -6.55 -4.53 9.95
C PRO A 139 -6.99 -5.27 8.70
N VAL A 140 -6.10 -6.04 8.09
CA VAL A 140 -6.49 -6.87 6.96
C VAL A 140 -6.94 -8.24 7.43
N LYS A 141 -6.43 -8.71 8.56
CA LYS A 141 -6.75 -10.06 9.02
C LYS A 141 -8.20 -10.17 9.47
N ARG A 142 -8.82 -9.04 9.83
CA ARG A 142 -10.17 -9.04 10.35
C ARG A 142 -11.15 -8.44 9.36
N THR A 143 -12.42 -8.78 9.56
CA THR A 143 -13.53 -8.24 8.78
C THR A 143 -14.74 -8.09 9.68
N THR A 144 -15.68 -7.26 9.25
CA THR A 144 -16.88 -7.02 10.04
C THR A 144 -17.67 -8.31 10.24
N LYS A 145 -17.68 -9.19 9.24
CA LYS A 145 -18.32 -10.50 9.40
C LYS A 145 -17.64 -11.32 10.48
N MET A 146 -16.31 -11.21 10.58
CA MET A 146 -15.60 -11.90 11.65
C MET A 146 -15.55 -11.07 12.92
N ALA A 147 -15.68 -9.75 12.81
CA ALA A 147 -15.64 -8.89 13.98
C ALA A 147 -16.87 -9.09 14.87
N GLY A 148 -18.04 -9.24 14.26
CA GLY A 148 -19.25 -9.46 15.05
C GLY A 148 -19.17 -10.71 15.90
N MET A 149 -18.65 -11.80 15.34
CA MET A 149 -18.43 -13.00 16.13
C MET A 149 -17.44 -12.75 17.24
N MET A 150 -16.42 -11.93 16.98
CA MET A 150 -15.47 -11.56 18.03
C MET A 150 -16.15 -10.75 19.13
N ILE A 151 -17.28 -10.13 18.83
CA ILE A 151 -18.00 -9.36 19.83
C ILE A 151 -19.01 -10.24 20.57
N ALA A 152 -19.95 -10.83 19.83
CA ALA A 152 -21.07 -11.51 20.47
C ALA A 152 -20.62 -12.74 21.25
N ALA A 153 -19.54 -13.39 20.80
CA ALA A 153 -19.04 -14.54 21.54
C ALA A 153 -18.68 -14.17 22.97
N ALA A 154 -18.14 -12.96 23.17
CA ALA A 154 -17.87 -12.49 24.52
C ALA A 154 -19.17 -12.35 25.31
N TRP A 155 -20.24 -11.90 24.65
CA TRP A 155 -21.54 -11.83 25.31
C TRP A 155 -22.05 -13.21 25.68
N VAL A 156 -22.05 -14.15 24.72
CA VAL A 156 -22.62 -15.47 24.97
C VAL A 156 -21.76 -16.25 25.96
N LEU A 157 -20.45 -16.26 25.75
CA LEU A 157 -19.57 -17.08 26.58
C LEU A 157 -19.69 -16.69 28.05
N SER A 158 -19.68 -15.39 28.33
CA SER A 158 -19.81 -14.94 29.72
C SER A 158 -21.18 -15.30 30.29
N PHE A 159 -22.22 -15.20 29.47
CA PHE A 159 -23.56 -15.57 29.94
C PHE A 159 -23.64 -17.08 30.20
N ILE A 160 -23.26 -17.88 29.21
CA ILE A 160 -23.33 -19.33 29.35
C ILE A 160 -22.43 -19.81 30.48
N LEU A 161 -21.39 -19.04 30.82
CA LEU A 161 -20.51 -19.45 31.91
C LEU A 161 -21.12 -19.14 33.26
N TRP A 162 -22.06 -18.20 33.33
CA TRP A 162 -22.60 -17.77 34.61
C TRP A 162 -24.11 -17.95 34.72
N ALA A 163 -24.87 -17.60 33.68
CA ALA A 163 -26.33 -17.63 33.79
C ALA A 163 -26.88 -19.00 34.17
N PRO A 164 -26.56 -20.09 33.46
CA PRO A 164 -27.14 -21.38 33.87
C PRO A 164 -26.56 -21.90 35.17
N ALA A 165 -25.26 -21.73 35.39
CA ALA A 165 -24.64 -22.20 36.62
C ALA A 165 -25.24 -21.52 37.83
N ILE A 166 -25.56 -20.23 37.71
CA ILE A 166 -26.27 -19.56 38.80
C ILE A 166 -27.68 -20.10 38.93
N LEU A 167 -28.31 -20.47 37.82
CA LEU A 167 -29.66 -21.02 37.87
C LEU A 167 -29.65 -22.51 38.21
N PHE A 168 -28.60 -23.23 37.81
CA PHE A 168 -28.54 -24.65 38.11
C PHE A 168 -28.07 -24.91 39.54
N TRP A 169 -27.39 -23.93 40.15
CA TRP A 169 -26.86 -24.11 41.50
C TRP A 169 -27.97 -24.52 42.46
N GLN A 170 -29.17 -23.97 42.30
CA GLN A 170 -30.30 -24.37 43.13
C GLN A 170 -30.73 -25.79 42.80
N PHE A 171 -31.11 -26.03 41.54
CA PHE A 171 -31.61 -27.35 41.14
C PHE A 171 -30.57 -28.44 41.34
N ILE A 172 -29.29 -28.10 41.33
CA ILE A 172 -28.26 -29.11 41.55
C ILE A 172 -28.07 -29.37 43.05
N VAL A 173 -28.27 -28.34 43.87
CA VAL A 173 -28.09 -28.51 45.31
C VAL A 173 -29.43 -28.68 46.02
N GLY A 174 -30.53 -28.26 45.39
CA GLY A 174 -31.83 -28.37 46.02
C GLY A 174 -32.49 -27.03 46.26
N VAL A 175 -32.63 -26.64 47.52
CA VAL A 175 -33.30 -25.39 47.85
C VAL A 175 -32.35 -24.22 47.70
N ARG A 176 -32.91 -23.01 47.71
CA ARG A 176 -32.12 -21.79 47.59
C ARG A 176 -31.35 -21.55 48.89
N THR A 177 -30.03 -21.65 48.83
CA THR A 177 -29.20 -21.43 50.01
C THR A 177 -29.26 -20.00 50.53
N VAL A 178 -29.80 -19.08 49.76
CA VAL A 178 -29.93 -17.68 50.18
C VAL A 178 -31.38 -17.26 50.05
N GLU A 179 -31.77 -16.28 50.86
CA GLU A 179 -33.12 -15.76 50.89
C GLU A 179 -33.17 -14.42 50.14
N ASP A 180 -34.32 -13.74 50.23
CA ASP A 180 -34.51 -12.46 49.56
C ASP A 180 -34.39 -11.26 50.49
N GLY A 181 -34.20 -11.48 51.80
CA GLY A 181 -33.93 -10.37 52.70
C GLY A 181 -32.52 -9.83 52.53
N GLU A 182 -31.62 -10.63 51.97
CA GLU A 182 -30.31 -10.19 51.54
C GLU A 182 -30.03 -10.96 50.25
N CYS A 183 -30.37 -10.36 49.11
CA CYS A 183 -30.23 -11.02 47.81
C CYS A 183 -28.78 -11.43 47.60
N TYR A 184 -28.54 -12.74 47.54
CA TYR A 184 -27.19 -13.27 47.50
C TYR A 184 -27.03 -14.28 46.38
N ILE A 185 -25.89 -14.95 46.33
CA ILE A 185 -25.61 -15.91 45.27
C ILE A 185 -26.25 -17.25 45.62
N GLN A 186 -26.67 -17.98 44.59
CA GLN A 186 -27.24 -19.30 44.79
C GLN A 186 -26.20 -20.27 45.35
N PHE A 187 -25.05 -20.39 44.68
CA PHE A 187 -23.96 -21.24 45.14
C PHE A 187 -22.95 -20.46 45.98
N PHE A 188 -23.41 -19.45 46.72
CA PHE A 188 -22.56 -18.54 47.49
C PHE A 188 -21.56 -19.29 48.37
N SER A 189 -21.96 -20.44 48.89
CA SER A 189 -21.08 -21.25 49.72
C SER A 189 -20.37 -22.36 48.95
N ASN A 190 -20.75 -22.60 47.71
CA ASN A 190 -20.17 -23.67 46.90
C ASN A 190 -18.77 -23.23 46.48
N ALA A 191 -17.80 -23.44 47.38
CA ALA A 191 -16.43 -23.03 47.12
C ALA A 191 -15.80 -23.80 45.97
N ALA A 192 -16.52 -24.76 45.38
CA ALA A 192 -15.99 -25.56 44.29
C ALA A 192 -15.65 -24.72 43.07
N VAL A 193 -16.66 -24.08 42.48
CA VAL A 193 -16.44 -23.30 41.28
C VAL A 193 -16.10 -21.85 41.63
N THR A 194 -16.70 -21.32 42.69
CA THR A 194 -16.50 -19.93 43.06
C THR A 194 -15.03 -19.61 43.33
N PHE A 195 -14.25 -20.63 43.70
CA PHE A 195 -12.81 -20.42 43.83
C PHE A 195 -12.15 -20.38 42.46
N GLY A 196 -12.65 -21.19 41.51
CA GLY A 196 -12.04 -21.24 40.20
C GLY A 196 -12.66 -20.27 39.22
N THR A 197 -13.99 -20.15 39.23
CA THR A 197 -14.67 -19.29 38.26
C THR A 197 -14.23 -17.84 38.41
N ALA A 198 -13.81 -17.44 39.60
CA ALA A 198 -13.36 -16.07 39.81
C ALA A 198 -12.06 -15.80 39.05
N ILE A 199 -11.00 -16.53 39.40
CA ILE A 199 -9.69 -16.28 38.81
C ILE A 199 -9.74 -16.43 37.30
N ALA A 200 -10.30 -17.54 36.83
CA ALA A 200 -10.41 -17.77 35.39
C ALA A 200 -11.07 -16.57 34.71
N ALA A 201 -12.26 -16.20 35.15
CA ALA A 201 -12.98 -15.10 34.50
C ALA A 201 -12.33 -13.76 34.83
N PHE A 202 -11.52 -13.68 35.87
CA PHE A 202 -10.96 -12.40 36.27
C PHE A 202 -9.44 -12.36 36.20
N TYR A 203 -8.75 -13.31 36.84
CA TYR A 203 -7.30 -13.20 36.97
C TYR A 203 -6.61 -13.17 35.62
N LEU A 204 -6.75 -14.24 34.84
CA LEU A 204 -6.12 -14.30 33.52
C LEU A 204 -6.45 -13.08 32.66
N PRO A 205 -7.69 -12.56 32.64
CA PRO A 205 -7.93 -11.29 31.95
C PRO A 205 -7.05 -10.16 32.47
N VAL A 206 -7.13 -9.86 33.77
CA VAL A 206 -6.34 -8.75 34.30
C VAL A 206 -4.86 -9.09 34.24
N ILE A 207 -4.52 -10.38 34.19
CA ILE A 207 -3.10 -10.77 34.10
C ILE A 207 -2.54 -10.34 32.74
N ILE A 208 -3.11 -10.86 31.66
CA ILE A 208 -2.58 -10.56 30.33
C ILE A 208 -2.73 -9.07 30.03
N MET A 209 -3.75 -8.43 30.58
CA MET A 209 -4.01 -7.03 30.25
C MET A 209 -2.87 -6.14 30.73
N THR A 210 -2.57 -6.16 32.03
CA THR A 210 -1.56 -5.25 32.56
C THR A 210 -0.20 -5.49 31.95
N VAL A 211 0.11 -6.75 31.58
CA VAL A 211 1.39 -7.02 30.93
C VAL A 211 1.39 -6.42 29.53
N LEU A 212 0.29 -6.56 28.80
CA LEU A 212 0.24 -6.07 27.43
C LEU A 212 0.39 -4.55 27.38
N TYR A 213 -0.43 -3.84 28.15
CA TYR A 213 -0.44 -2.38 28.06
C TYR A 213 0.84 -1.77 28.61
N TRP A 214 1.62 -2.52 29.38
CA TRP A 214 3.00 -2.12 29.63
C TRP A 214 3.87 -2.49 28.45
N HIS A 215 3.75 -3.73 27.96
CA HIS A 215 4.45 -4.12 26.75
C HIS A 215 4.12 -3.18 25.59
N ILE A 216 2.87 -2.73 25.51
CA ILE A 216 2.52 -1.73 24.50
C ILE A 216 3.20 -0.41 24.81
N SER A 217 3.33 -0.06 26.08
CA SER A 217 4.03 1.17 26.44
C SER A 217 5.52 1.06 26.14
N ARG A 218 6.05 -0.15 26.08
CA ARG A 218 7.47 -0.33 25.74
C ARG A 218 7.78 0.26 24.38
N ALA A 219 6.86 0.10 23.41
CA ALA A 219 7.04 0.71 22.11
C ALA A 219 6.90 2.23 22.16
N SER A 220 6.28 2.76 23.20
CA SER A 220 6.15 4.21 23.35
C SER A 220 7.41 4.80 23.95
N GLU A 389 4.86 11.28 23.74
CA GLU A 389 4.52 10.18 24.62
C GLU A 389 3.89 10.68 25.91
N LYS A 390 3.24 11.84 25.83
CA LYS A 390 2.68 12.46 27.03
C LYS A 390 1.32 11.87 27.38
N LYS A 391 0.35 11.97 26.46
CA LYS A 391 -1.00 11.53 26.78
C LYS A 391 -1.10 10.01 26.88
N VAL A 392 -0.25 9.28 26.16
CA VAL A 392 -0.36 7.83 26.12
C VAL A 392 -0.07 7.23 27.50
N THR A 393 1.11 7.52 28.06
CA THR A 393 1.42 7.03 29.40
C THR A 393 0.45 7.57 30.43
N ARG A 394 -0.15 8.74 30.16
CA ARG A 394 -1.19 9.27 31.03
C ARG A 394 -2.52 8.55 30.81
N THR A 395 -2.62 7.76 29.75
CA THR A 395 -3.88 7.07 29.44
C THR A 395 -3.78 5.57 29.68
N ILE A 396 -2.59 4.99 29.57
CA ILE A 396 -2.44 3.54 29.70
C ILE A 396 -2.90 3.07 31.07
N LEU A 397 -2.23 3.56 32.12
CA LEU A 397 -2.68 3.22 33.47
C LEU A 397 -4.07 3.76 33.74
N ALA A 398 -4.42 4.89 33.12
CA ALA A 398 -5.73 5.50 33.34
C ALA A 398 -6.85 4.51 33.03
N ILE A 399 -6.85 3.96 31.82
CA ILE A 399 -7.81 2.92 31.49
C ILE A 399 -7.59 1.70 32.36
N LEU A 400 -6.32 1.35 32.60
CA LEU A 400 -6.02 0.13 33.35
C LEU A 400 -6.43 0.27 34.81
N LEU A 401 -5.83 1.22 35.54
CA LEU A 401 -6.06 1.33 36.97
C LEU A 401 -7.52 1.59 37.30
N ALA A 402 -8.24 2.29 36.42
CA ALA A 402 -9.67 2.49 36.64
C ALA A 402 -10.41 1.16 36.61
N PHE A 403 -10.15 0.36 35.57
CA PHE A 403 -10.82 -0.92 35.44
C PHE A 403 -10.64 -1.80 36.66
N ILE A 404 -9.38 -1.98 37.10
CA ILE A 404 -9.12 -2.85 38.23
C ILE A 404 -9.71 -2.29 39.50
N ILE A 405 -9.98 -0.98 39.54
CA ILE A 405 -10.63 -0.40 40.71
C ILE A 405 -12.09 -0.81 40.80
N THR A 406 -12.63 -1.39 39.73
CA THR A 406 -14.06 -1.70 39.67
C THR A 406 -14.37 -3.14 40.09
N TRP A 407 -13.82 -4.12 39.38
CA TRP A 407 -14.24 -5.51 39.55
C TRP A 407 -13.33 -6.32 40.47
N ALA A 408 -12.16 -5.82 40.80
CA ALA A 408 -11.26 -6.56 41.70
C ALA A 408 -11.87 -6.85 43.07
N PRO A 409 -12.41 -5.87 43.82
CA PRO A 409 -12.88 -6.19 45.17
C PRO A 409 -14.00 -7.20 45.19
N TYR A 410 -14.88 -7.18 44.20
CA TYR A 410 -15.93 -8.18 44.11
C TYR A 410 -15.33 -9.57 43.89
N ASN A 411 -14.48 -9.70 42.87
CA ASN A 411 -13.91 -11.00 42.55
C ASN A 411 -12.95 -11.46 43.64
N VAL A 412 -12.28 -10.52 44.31
CA VAL A 412 -11.37 -10.88 45.40
C VAL A 412 -12.16 -11.36 46.62
N MET A 413 -13.10 -10.53 47.08
CA MET A 413 -13.93 -10.91 48.21
C MET A 413 -14.74 -12.17 47.93
N VAL A 414 -14.94 -12.49 46.64
CA VAL A 414 -15.64 -13.71 46.28
C VAL A 414 -14.96 -14.95 46.83
N LEU A 415 -13.68 -14.83 47.22
CA LEU A 415 -13.01 -15.95 47.87
C LEU A 415 -13.43 -16.06 49.33
N ILE A 416 -13.78 -14.94 49.95
CA ILE A 416 -14.14 -14.95 51.37
C ILE A 416 -15.46 -15.66 51.58
N ASN A 417 -16.51 -15.26 50.85
CA ASN A 417 -17.82 -15.86 51.03
C ASN A 417 -17.77 -17.37 50.91
N THR A 418 -17.07 -17.87 49.89
CA THR A 418 -16.94 -19.32 49.73
C THR A 418 -16.24 -19.98 50.90
N PHE A 419 -15.49 -19.21 51.70
CA PHE A 419 -14.76 -19.74 52.85
C PHE A 419 -15.21 -19.15 54.17
N CYS A 420 -15.42 -17.84 54.23
CA CYS A 420 -15.77 -17.13 55.45
C CYS A 420 -17.07 -16.36 55.25
N ALA A 421 -18.08 -17.06 54.73
CA ALA A 421 -19.40 -16.47 54.45
C ALA A 421 -19.93 -15.53 55.54
N PRO A 422 -19.92 -15.89 56.83
CA PRO A 422 -20.50 -14.98 57.83
C PRO A 422 -19.70 -13.73 58.10
N CYS A 423 -18.38 -13.73 57.88
CA CYS A 423 -17.58 -12.54 58.16
C CYS A 423 -17.57 -11.54 57.03
N ILE A 424 -18.35 -11.77 55.97
CA ILE A 424 -18.53 -10.79 54.90
C ILE A 424 -19.69 -9.89 55.28
N PRO A 425 -19.42 -8.65 55.69
CA PRO A 425 -20.51 -7.81 56.22
C PRO A 425 -21.43 -7.33 55.12
N ASN A 426 -22.74 -7.43 55.36
CA ASN A 426 -23.72 -6.92 54.41
C ASN A 426 -23.61 -5.41 54.26
N THR A 427 -23.13 -4.72 55.30
CA THR A 427 -22.88 -3.29 55.18
C THR A 427 -21.83 -3.00 54.11
N VAL A 428 -20.96 -3.98 53.83
CA VAL A 428 -19.99 -3.82 52.76
C VAL A 428 -20.42 -4.54 51.50
N TRP A 429 -21.39 -5.46 51.59
CA TRP A 429 -21.82 -6.21 50.41
C TRP A 429 -22.36 -5.29 49.33
N THR A 430 -22.91 -4.13 49.70
CA THR A 430 -23.37 -3.17 48.70
C THR A 430 -22.33 -2.11 48.40
N ILE A 431 -21.33 -1.97 49.26
CA ILE A 431 -20.27 -0.99 49.02
C ILE A 431 -19.54 -1.31 47.73
N GLY A 432 -18.93 -2.49 47.65
CA GLY A 432 -18.29 -2.90 46.41
C GLY A 432 -19.28 -3.06 45.27
N TYR A 433 -20.47 -3.56 45.57
CA TYR A 433 -21.48 -3.75 44.54
C TYR A 433 -21.86 -2.43 43.89
N TRP A 434 -21.92 -1.36 44.67
CA TRP A 434 -22.16 -0.03 44.09
C TRP A 434 -20.88 0.53 43.48
N LEU A 435 -19.74 0.27 44.12
CA LEU A 435 -18.48 0.72 43.57
C LEU A 435 -18.18 0.03 42.25
N CYS A 436 -18.35 -1.29 42.19
CA CYS A 436 -18.19 -2.00 40.93
C CYS A 436 -19.24 -1.59 39.92
N TYR A 437 -20.40 -1.09 40.39
CA TYR A 437 -21.41 -0.58 39.47
C TYR A 437 -20.91 0.66 38.74
N ILE A 438 -19.97 1.38 39.32
CA ILE A 438 -19.41 2.57 38.70
C ILE A 438 -18.57 2.25 37.48
N ASN A 439 -18.32 0.97 37.21
CA ASN A 439 -17.53 0.59 36.04
C ASN A 439 -18.17 1.08 34.75
N SER A 440 -19.43 0.72 34.52
CA SER A 440 -20.11 1.08 33.29
C SER A 440 -20.41 2.57 33.19
N THR A 441 -19.94 3.38 34.13
CA THR A 441 -20.07 4.83 34.07
C THR A 441 -18.79 5.52 33.65
N ILE A 442 -17.68 5.23 34.34
CA ILE A 442 -16.42 5.90 34.01
C ILE A 442 -15.77 5.28 32.78
N ASN A 443 -15.91 3.96 32.62
CA ASN A 443 -15.29 3.28 31.49
C ASN A 443 -15.74 3.85 30.15
N PRO A 444 -17.03 4.04 29.88
CA PRO A 444 -17.40 4.74 28.63
C PRO A 444 -16.90 6.17 28.59
N ALA A 445 -16.73 6.81 29.74
CA ALA A 445 -16.17 8.15 29.77
C ALA A 445 -14.65 8.13 29.67
N CYS A 446 -14.04 6.95 29.80
CA CYS A 446 -12.59 6.86 29.81
C CYS A 446 -12.01 6.99 28.40
N TYR A 447 -12.76 6.56 27.38
CA TYR A 447 -12.17 6.45 26.06
C TYR A 447 -12.64 7.57 25.13
N ALA A 448 -13.68 8.30 25.52
CA ALA A 448 -14.04 9.51 24.78
C ALA A 448 -12.91 10.54 24.85
N LEU A 449 -12.09 10.48 25.91
CA LEU A 449 -10.91 11.34 25.98
C LEU A 449 -9.99 11.12 24.80
N CYS A 450 -9.88 9.88 24.33
CA CYS A 450 -8.99 9.57 23.22
C CYS A 450 -9.71 9.64 21.88
N ASN A 451 -10.98 9.21 21.86
CA ASN A 451 -11.76 9.20 20.62
C ASN A 451 -12.17 10.64 20.28
N ALA A 452 -11.17 11.40 19.82
CA ALA A 452 -11.41 12.80 19.47
C ALA A 452 -12.43 12.96 18.35
N THR A 453 -12.49 12.01 17.41
CA THR A 453 -13.48 12.09 16.34
C THR A 453 -14.89 12.01 16.89
N PHE A 454 -15.19 10.98 17.68
CA PHE A 454 -16.50 10.89 18.31
C PHE A 454 -16.71 12.02 19.31
N LYS A 455 -15.64 12.45 19.99
CA LYS A 455 -15.75 13.54 20.95
C LYS A 455 -16.32 14.80 20.30
N LYS A 456 -16.01 15.00 19.01
CA LYS A 456 -16.64 16.09 18.28
C LYS A 456 -18.02 15.70 17.80
N THR A 457 -18.21 14.42 17.44
CA THR A 457 -19.52 13.97 16.96
C THR A 457 -20.56 14.03 18.06
N PHE A 458 -20.18 13.78 19.31
CA PHE A 458 -21.14 13.82 20.40
C PHE A 458 -21.37 15.24 20.90
N LYS A 459 -20.45 16.15 20.58
CA LYS A 459 -20.56 17.54 21.01
C LYS A 459 -21.80 18.21 20.42
N GLU A 494 -8.47 23.29 -2.79
CA GLU A 494 -7.44 24.17 -2.26
C GLU A 494 -6.05 23.63 -2.57
N CYS A 496 -3.12 24.12 -5.96
CA CYS A 496 -2.71 24.46 -7.32
C CYS A 496 -2.04 23.24 -7.95
N ALA A 499 3.58 22.27 -12.42
CA ALA A 499 3.72 22.58 -13.84
C ALA A 499 5.17 22.79 -14.24
N LEU A 503 13.50 26.57 -19.80
CA LEU A 503 14.84 26.96 -19.40
C LEU A 503 15.67 27.18 -20.65
N ALA A 504 16.28 28.36 -20.73
CA ALA A 504 17.09 28.70 -21.89
C ALA A 504 18.29 27.76 -22.02
N LYS A 505 18.83 27.68 -23.23
CA LYS A 505 20.01 26.87 -23.48
C LYS A 505 21.23 27.54 -22.86
N ASP A 506 22.38 26.92 -23.07
CA ASP A 506 23.65 27.44 -22.54
C ASP A 506 23.97 28.82 -23.11
N THR B 14 16.31 23.93 -20.98
CA THR B 14 15.39 22.82 -21.19
C THR B 14 14.09 23.05 -20.43
N ARG B 15 13.57 22.00 -19.82
CA ARG B 15 12.36 22.08 -19.03
C ARG B 15 12.68 21.89 -17.56
N VAL B 16 11.91 22.57 -16.71
CA VAL B 16 12.05 22.46 -15.26
C VAL B 16 10.65 22.52 -14.66
N PHE B 17 10.51 22.00 -13.45
CA PHE B 17 9.21 21.89 -12.82
C PHE B 17 9.01 23.00 -11.80
N LYS B 18 7.87 23.68 -11.89
CA LYS B 18 7.57 24.78 -10.99
C LYS B 18 6.18 24.57 -10.40
N LYS B 19 5.96 25.18 -9.25
CA LYS B 19 4.65 25.08 -8.61
C LYS B 19 4.51 26.20 -7.60
N ALA B 20 3.38 26.90 -7.66
CA ALA B 20 3.17 28.09 -6.85
C ALA B 20 2.15 27.83 -5.75
N SER B 21 2.36 28.47 -4.60
CA SER B 21 1.49 28.29 -3.45
C SER B 21 0.08 28.81 -3.73
N PRO B 22 -0.90 28.37 -2.95
CA PRO B 22 -2.26 28.91 -3.12
C PRO B 22 -2.34 30.41 -2.91
N ASN B 23 -1.45 30.98 -2.11
CA ASN B 23 -1.41 32.42 -1.92
C ASN B 23 -0.89 33.09 -3.19
N GLY B 24 -0.62 32.30 -4.23
CA GLY B 24 -0.22 32.81 -5.52
C GLY B 24 1.11 33.51 -5.56
N LYS B 25 1.79 33.69 -4.44
CA LYS B 25 3.00 34.50 -4.39
C LYS B 25 4.25 33.69 -4.08
N LEU B 26 4.11 32.44 -3.65
CA LEU B 26 5.25 31.59 -3.32
C LEU B 26 5.35 30.50 -4.38
N THR B 27 6.39 30.56 -5.20
CA THR B 27 6.58 29.53 -6.21
C THR B 27 7.95 28.87 -6.05
N VAL B 28 8.01 27.59 -6.39
CA VAL B 28 9.22 26.80 -6.31
C VAL B 28 9.55 26.30 -7.70
N TYR B 29 10.85 26.27 -8.01
CA TYR B 29 11.39 25.80 -9.26
C TYR B 29 12.46 24.77 -8.94
N LEU B 30 12.41 23.66 -9.67
CA LEU B 30 13.17 22.47 -9.33
C LEU B 30 13.31 21.63 -10.59
N GLY B 31 14.55 21.24 -10.89
CA GLY B 31 14.82 20.59 -12.15
C GLY B 31 14.37 19.15 -12.25
N LYS B 32 14.98 18.26 -11.48
CA LYS B 32 14.67 16.85 -11.59
C LYS B 32 13.86 16.39 -10.38
N ARG B 33 12.78 15.66 -10.67
CA ARG B 33 11.98 15.07 -9.61
C ARG B 33 12.67 13.89 -8.97
N ASP B 34 13.07 12.89 -9.75
CA ASP B 34 13.88 11.82 -9.19
C ASP B 34 15.24 12.36 -8.78
N PHE B 35 15.95 11.57 -7.99
CA PHE B 35 17.31 11.90 -7.59
C PHE B 35 18.05 10.57 -7.45
N VAL B 36 18.77 10.20 -8.51
CA VAL B 36 19.39 8.88 -8.57
C VAL B 36 20.32 8.72 -7.38
N ASP B 37 20.45 7.48 -6.94
CA ASP B 37 21.22 7.16 -5.74
C ASP B 37 22.35 6.21 -6.11
N HIS B 38 23.55 6.75 -6.29
CA HIS B 38 24.73 5.92 -6.43
C HIS B 38 25.04 5.24 -5.11
N ILE B 39 25.82 4.16 -5.17
CA ILE B 39 26.06 3.33 -4.00
C ILE B 39 26.50 4.14 -2.80
N ASP B 40 27.23 5.24 -3.03
CA ASP B 40 27.65 6.12 -1.94
C ASP B 40 27.56 7.58 -2.33
N LEU B 41 26.61 7.94 -3.19
CA LEU B 41 26.49 9.31 -3.65
C LEU B 41 25.09 9.51 -4.20
N VAL B 42 24.56 10.72 -4.02
CA VAL B 42 23.23 11.07 -4.49
C VAL B 42 23.25 12.49 -5.03
N ASP B 43 22.46 12.72 -6.07
CA ASP B 43 22.35 14.05 -6.64
C ASP B 43 21.83 15.03 -5.58
N PRO B 44 22.53 16.13 -5.32
CA PRO B 44 22.08 17.06 -4.27
C PRO B 44 20.80 17.75 -4.70
N VAL B 45 19.79 17.70 -3.83
CA VAL B 45 18.45 18.16 -4.18
C VAL B 45 18.39 19.68 -3.98
N ASP B 46 18.13 20.42 -5.04
CA ASP B 46 18.25 21.85 -4.92
C ASP B 46 17.43 22.54 -5.98
N GLY B 47 16.96 23.74 -5.64
CA GLY B 47 16.15 24.51 -6.54
C GLY B 47 16.17 25.96 -6.16
N VAL B 48 15.20 26.72 -6.67
CA VAL B 48 15.13 28.15 -6.41
C VAL B 48 13.68 28.55 -6.18
N VAL B 49 13.45 29.40 -5.18
CA VAL B 49 12.12 29.83 -4.79
C VAL B 49 11.97 31.30 -5.08
N LEU B 50 10.81 31.68 -5.61
CA LEU B 50 10.52 33.06 -5.99
C LEU B 50 9.25 33.54 -5.30
N VAL B 51 9.28 34.80 -4.87
CA VAL B 51 8.23 35.38 -4.05
C VAL B 51 8.18 36.88 -4.29
N ASP B 52 6.98 37.45 -4.19
CA ASP B 52 6.78 38.89 -4.28
C ASP B 52 7.13 39.53 -2.94
N PRO B 53 8.23 40.27 -2.87
CA PRO B 53 8.66 40.83 -1.57
C PRO B 53 7.62 41.71 -0.92
N GLU B 54 6.79 42.39 -1.72
CA GLU B 54 5.74 43.22 -1.16
C GLU B 54 4.89 42.44 -0.17
N TYR B 55 4.53 41.21 -0.53
CA TYR B 55 3.83 40.35 0.41
C TYR B 55 4.66 40.14 1.67
N LEU B 56 5.94 39.82 1.49
CA LEU B 56 6.81 39.51 2.61
C LEU B 56 7.14 40.81 3.34
N LYS B 57 6.23 41.20 4.22
CA LYS B 57 6.44 42.37 5.06
C LYS B 57 7.69 42.17 5.90
N GLU B 58 7.66 41.17 6.79
CA GLU B 58 8.83 40.84 7.60
C GLU B 58 9.07 39.35 7.73
N ARG B 59 8.16 38.50 7.29
CA ARG B 59 8.30 37.06 7.49
C ARG B 59 9.56 36.54 6.82
N ARG B 60 9.98 35.35 7.24
CA ARG B 60 11.12 34.66 6.67
C ARG B 60 10.65 33.42 5.93
N VAL B 61 11.26 33.13 4.79
CA VAL B 61 10.85 32.04 3.93
C VAL B 61 11.73 30.82 4.22
N TYR B 62 11.09 29.69 4.49
CA TYR B 62 11.78 28.47 4.86
C TYR B 62 11.38 27.34 3.93
N VAL B 63 12.36 26.51 3.59
CA VAL B 63 12.16 25.32 2.78
C VAL B 63 12.74 24.14 3.55
N THR B 64 11.98 23.06 3.62
CA THR B 64 12.28 21.93 4.49
C THR B 64 12.16 20.63 3.71
N LEU B 65 13.16 19.79 3.85
CA LEU B 65 13.10 18.42 3.34
C LEU B 65 12.71 17.51 4.48
N THR B 66 11.70 16.67 4.25
CA THR B 66 11.22 15.72 5.24
C THR B 66 11.19 14.33 4.64
N VAL B 67 11.79 13.38 5.35
CA VAL B 67 11.73 11.99 4.94
C VAL B 67 10.83 11.26 5.93
N ALA B 68 9.55 11.18 5.61
CA ALA B 68 8.57 10.59 6.51
C ALA B 68 8.41 9.11 6.21
N PHE B 69 7.77 8.41 7.14
CA PHE B 69 7.59 6.98 7.02
C PHE B 69 6.27 6.64 7.70
N ARG B 70 5.24 6.44 6.90
CA ARG B 70 3.97 6.00 7.45
C ARG B 70 3.94 4.48 7.50
N TYR B 71 3.39 3.95 8.57
CA TYR B 71 3.20 2.51 8.71
C TYR B 71 1.79 2.16 9.16
N GLY B 72 0.97 3.14 9.49
CA GLY B 72 -0.43 2.89 9.81
C GLY B 72 -1.31 4.01 9.33
N ARG B 73 -2.35 3.66 8.57
CA ARG B 73 -3.27 4.67 8.03
C ARG B 73 -3.77 5.57 9.15
N GLU B 74 -3.80 6.88 8.87
CA GLU B 74 -4.16 7.85 9.89
C GLU B 74 -5.48 7.54 10.57
N ASP B 75 -6.35 6.77 9.93
CA ASP B 75 -7.59 6.35 10.55
C ASP B 75 -7.38 5.28 11.61
N LEU B 76 -6.14 4.85 11.85
CA LEU B 76 -5.89 3.82 12.85
C LEU B 76 -6.37 4.25 14.22
N ASP B 77 -6.75 3.27 15.03
CA ASP B 77 -7.48 3.52 16.28
C ASP B 77 -6.59 3.57 17.51
N VAL B 78 -5.32 3.17 17.40
CA VAL B 78 -4.43 3.16 18.57
C VAL B 78 -4.39 4.54 19.19
N LEU B 79 -4.66 4.60 20.49
CA LEU B 79 -4.74 5.88 21.18
C LEU B 79 -3.36 6.49 21.36
N GLY B 80 -3.25 7.78 21.06
CA GLY B 80 -2.01 8.50 21.27
C GLY B 80 -0.92 8.17 20.28
N LEU B 81 -0.58 6.88 20.18
CA LEU B 81 0.49 6.43 19.31
C LEU B 81 0.21 6.79 17.85
N THR B 82 1.05 7.65 17.27
CA THR B 82 0.94 7.99 15.87
C THR B 82 1.63 6.92 15.02
N PHE B 83 1.62 7.14 13.70
CA PHE B 83 2.10 6.12 12.78
C PHE B 83 2.94 6.73 11.67
N ARG B 84 3.59 7.85 11.95
CA ARG B 84 4.34 8.61 10.96
C ARG B 84 5.67 8.99 11.57
N LYS B 85 6.66 8.11 11.43
CA LYS B 85 7.99 8.40 11.93
C LYS B 85 8.78 9.17 10.88
N ASP B 86 9.61 10.10 11.34
CA ASP B 86 10.50 10.84 10.46
C ASP B 86 11.89 10.23 10.54
N LEU B 87 12.56 10.17 9.38
CA LEU B 87 13.90 9.62 9.34
C LEU B 87 14.97 10.67 9.20
N PHE B 88 14.66 11.78 8.52
CA PHE B 88 15.61 12.87 8.36
C PHE B 88 14.86 14.08 7.85
N VAL B 89 15.02 15.21 8.55
CA VAL B 89 14.47 16.47 8.09
C VAL B 89 15.59 17.50 8.12
N ALA B 90 15.41 18.54 7.32
CA ALA B 90 16.40 19.60 7.22
C ALA B 90 15.70 20.88 6.82
N ASN B 91 16.15 21.99 7.38
CA ASN B 91 15.47 23.26 7.22
C ASN B 91 16.45 24.30 6.70
N VAL B 92 15.97 25.19 5.84
CA VAL B 92 16.79 26.28 5.33
C VAL B 92 15.95 27.54 5.20
N GLN B 93 16.39 28.62 5.83
CA GLN B 93 15.76 29.93 5.68
C GLN B 93 16.21 30.51 4.35
N SER B 94 15.46 30.15 3.30
CA SER B 94 15.73 30.67 1.96
C SER B 94 15.85 32.18 1.98
N PHE B 95 14.86 32.85 2.55
CA PHE B 95 14.96 34.28 2.78
C PHE B 95 14.59 34.57 4.23
N PRO B 96 15.34 35.46 4.89
CA PRO B 96 16.53 36.21 4.46
C PRO B 96 17.64 35.31 3.95
N PRO B 97 18.33 35.74 2.90
CA PRO B 97 19.17 34.82 2.11
C PRO B 97 20.51 34.51 2.76
N ALA B 98 20.47 34.23 4.07
CA ALA B 98 21.55 33.62 4.83
C ALA B 98 22.93 34.14 4.43
N PRO B 99 23.26 35.39 4.79
CA PRO B 99 24.54 35.97 4.33
C PRO B 99 25.75 35.12 4.70
N GLU B 100 25.87 34.71 5.95
CA GLU B 100 26.99 33.87 6.35
C GLU B 100 26.99 32.55 5.60
N ASP B 101 25.81 32.06 5.22
CA ASP B 101 25.69 30.78 4.51
C ASP B 101 25.67 31.05 3.02
N LYS B 102 26.86 31.07 2.41
CA LYS B 102 27.01 31.22 0.98
C LYS B 102 27.33 29.85 0.37
N LYS B 103 26.44 29.36 -0.48
CA LYS B 103 26.55 28.02 -1.03
C LYS B 103 27.07 28.05 -2.45
N PRO B 104 27.75 27.00 -2.88
CA PRO B 104 28.21 26.92 -4.28
C PRO B 104 27.05 26.61 -5.22
N LEU B 105 26.34 27.65 -5.65
CA LEU B 105 25.16 27.48 -6.50
C LEU B 105 25.47 26.63 -7.72
N THR B 106 24.62 25.63 -7.95
CA THR B 106 24.77 24.80 -9.14
C THR B 106 24.46 25.60 -10.39
N ARG B 107 24.97 25.11 -11.52
CA ARG B 107 24.69 25.77 -12.79
C ARG B 107 23.21 25.81 -13.07
N LEU B 108 22.45 24.83 -12.58
CA LEU B 108 21.00 24.87 -12.72
C LEU B 108 20.43 26.08 -12.00
N GLN B 109 20.81 26.24 -10.72
CA GLN B 109 20.39 27.41 -9.96
C GLN B 109 20.86 28.69 -10.65
N GLU B 110 22.07 28.65 -11.21
CA GLU B 110 22.59 29.79 -11.95
C GLU B 110 21.63 30.20 -13.06
N ARG B 111 21.34 29.26 -13.95
CA ARG B 111 20.48 29.56 -15.10
C ARG B 111 19.09 29.98 -14.64
N LEU B 112 18.57 29.35 -13.59
CA LEU B 112 17.27 29.75 -13.07
C LEU B 112 17.28 31.21 -12.63
N ILE B 113 18.26 31.57 -11.81
CA ILE B 113 18.47 32.94 -11.37
C ILE B 113 18.49 33.85 -12.58
N LYS B 114 19.24 33.45 -13.60
CA LYS B 114 19.32 34.27 -14.81
C LYS B 114 17.94 34.49 -15.43
N LYS B 115 17.13 33.43 -15.49
CA LYS B 115 15.82 33.57 -16.11
C LYS B 115 14.91 34.48 -15.29
N LEU B 116 14.65 34.09 -14.05
CA LEU B 116 13.69 34.83 -13.26
C LEU B 116 14.33 36.11 -12.71
N GLY B 117 13.53 36.90 -12.02
CA GLY B 117 13.97 38.19 -11.55
C GLY B 117 14.90 38.08 -10.34
N GLU B 118 15.12 39.23 -9.73
CA GLU B 118 15.98 39.33 -8.55
C GLU B 118 15.35 38.69 -7.32
N HIS B 119 14.04 38.47 -7.32
CA HIS B 119 13.32 38.01 -6.14
C HIS B 119 13.29 36.50 -6.02
N ALA B 120 14.28 35.82 -6.58
CA ALA B 120 14.41 34.37 -6.43
C ALA B 120 15.67 34.06 -5.67
N TYR B 121 15.64 32.97 -4.92
CA TYR B 121 16.74 32.62 -4.03
C TYR B 121 16.90 31.12 -4.01
N PRO B 122 18.14 30.63 -4.00
CA PRO B 122 18.37 29.19 -4.12
C PRO B 122 18.16 28.48 -2.79
N PHE B 123 18.20 27.15 -2.88
CA PHE B 123 18.16 26.27 -1.72
C PHE B 123 18.74 24.94 -2.15
N THR B 124 19.53 24.34 -1.26
CA THR B 124 20.31 23.16 -1.62
C THR B 124 20.47 22.27 -0.41
N PHE B 125 19.97 21.05 -0.50
CA PHE B 125 20.08 20.03 0.53
C PHE B 125 20.90 18.88 -0.02
N GLU B 126 21.86 18.41 0.77
CA GLU B 126 22.47 17.12 0.54
C GLU B 126 21.67 16.06 1.29
N ILE B 127 22.00 14.80 1.07
CA ILE B 127 21.25 13.70 1.65
C ILE B 127 22.20 12.77 2.39
N PRO B 128 21.82 12.26 3.56
CA PRO B 128 22.58 11.18 4.16
C PRO B 128 22.63 9.99 3.22
N PRO B 129 23.80 9.38 3.06
CA PRO B 129 23.96 8.32 2.07
C PRO B 129 23.06 7.10 2.32
N ASN B 130 23.15 6.53 3.51
CA ASN B 130 22.42 5.30 3.82
C ASN B 130 20.98 5.68 4.17
N LEU B 131 20.11 5.63 3.16
CA LEU B 131 18.70 5.93 3.33
C LEU B 131 17.92 5.08 2.33
N PRO B 132 16.67 4.77 2.63
CA PRO B 132 15.92 3.84 1.78
C PRO B 132 15.45 4.50 0.50
N SER B 133 15.35 3.68 -0.54
CA SER B 133 14.72 4.16 -1.76
C SER B 133 13.24 4.41 -1.51
N SER B 134 12.68 5.33 -2.28
CA SER B 134 11.29 5.73 -2.09
C SER B 134 10.37 4.59 -2.50
N VAL B 135 9.74 3.95 -1.51
CA VAL B 135 8.84 2.84 -1.76
C VAL B 135 7.54 3.10 -1.02
N THR B 136 6.47 2.49 -1.53
CA THR B 136 5.17 2.53 -0.89
C THR B 136 4.55 1.16 -0.97
N LEU B 137 3.74 0.83 0.03
CA LEU B 137 3.12 -0.47 0.15
C LEU B 137 1.73 -0.45 -0.46
N GLN B 138 1.42 -1.49 -1.22
CA GLN B 138 0.17 -1.55 -1.96
C GLN B 138 -1.00 -1.24 -1.04
N PRO B 139 -1.74 -0.16 -1.29
CA PRO B 139 -2.76 0.28 -0.34
C PRO B 139 -4.03 -0.55 -0.35
N GLY B 140 -4.10 -1.61 -1.15
CA GLY B 140 -5.27 -2.46 -1.19
C GLY B 140 -6.48 -1.75 -1.75
N PRO B 141 -7.61 -2.45 -1.79
CA PRO B 141 -8.82 -1.86 -2.41
C PRO B 141 -9.43 -0.73 -1.62
N GLU B 142 -9.70 -0.97 -0.34
CA GLU B 142 -10.61 -0.12 0.42
C GLU B 142 -10.00 1.21 0.84
N ASP B 143 -8.94 1.17 1.64
CA ASP B 143 -8.46 2.36 2.31
C ASP B 143 -7.93 3.37 1.30
N THR B 144 -7.83 4.62 1.75
CA THR B 144 -7.33 5.71 0.92
C THR B 144 -6.66 6.74 1.82
N GLY B 145 -6.06 7.73 1.18
CA GLY B 145 -5.34 8.79 1.86
C GLY B 145 -3.85 8.70 1.59
N LYS B 146 -3.09 9.39 2.44
CA LYS B 146 -1.64 9.34 2.33
C LYS B 146 -1.18 7.91 2.59
N ALA B 147 -0.73 7.21 1.55
CA ALA B 147 -0.47 5.80 1.64
C ALA B 147 0.69 5.50 2.58
N LEU B 148 0.93 4.22 2.80
CA LEU B 148 1.94 3.78 3.75
C LEU B 148 3.31 3.85 3.11
N GLY B 149 4.30 3.25 3.75
CA GLY B 149 5.64 3.23 3.22
C GLY B 149 6.42 4.48 3.54
N VAL B 150 7.58 4.57 2.91
CA VAL B 150 8.48 5.69 3.09
C VAL B 150 8.11 6.77 2.08
N ASP B 151 8.57 7.99 2.33
CA ASP B 151 8.19 9.10 1.48
C ASP B 151 9.14 10.27 1.69
N TYR B 152 9.35 11.05 0.64
CA TYR B 152 10.24 12.23 0.70
C TYR B 152 9.50 13.46 0.15
N GLU B 153 9.38 14.50 0.98
CA GLU B 153 8.69 15.72 0.57
C GLU B 153 9.59 16.91 0.79
N VAL B 154 9.32 17.98 0.03
CA VAL B 154 10.01 19.25 0.19
C VAL B 154 8.96 20.35 0.24
N LYS B 155 8.83 20.99 1.40
CA LYS B 155 7.88 22.06 1.58
C LYS B 155 8.58 23.40 1.55
N ALA B 156 7.80 24.44 1.27
CA ALA B 156 8.25 25.81 1.32
C ALA B 156 7.11 26.65 1.85
N PHE B 157 7.43 27.56 2.75
CA PHE B 157 6.43 28.29 3.51
C PHE B 157 7.09 29.54 4.07
N VAL B 158 6.32 30.32 4.81
CA VAL B 158 6.83 31.56 5.39
C VAL B 158 6.31 31.68 6.82
N ALA B 159 7.17 32.23 7.67
CA ALA B 159 6.86 32.48 9.07
C ALA B 159 7.99 33.30 9.67
N GLU B 160 7.68 34.00 10.75
CA GLU B 160 8.73 34.65 11.53
C GLU B 160 9.36 33.68 12.52
N ASN B 161 8.59 32.67 12.96
CA ASN B 161 9.06 31.69 13.90
C ASN B 161 9.06 30.32 13.24
N LEU B 162 10.12 29.56 13.47
CA LEU B 162 10.21 28.22 12.88
C LEU B 162 9.10 27.32 13.40
N GLU B 163 8.87 27.35 14.72
CA GLU B 163 7.83 26.51 15.29
C GLU B 163 6.43 27.09 15.12
N GLU B 164 6.30 28.23 14.45
CA GLU B 164 4.99 28.83 14.27
C GLU B 164 4.09 27.93 13.42
N LYS B 165 2.81 28.29 13.38
CA LYS B 165 1.83 27.49 12.67
C LYS B 165 2.08 27.53 11.16
N ILE B 166 1.79 26.41 10.50
CA ILE B 166 1.98 26.30 9.06
C ILE B 166 0.72 26.74 8.35
N HIS B 167 0.58 28.04 8.11
CA HIS B 167 -0.57 28.58 7.40
C HIS B 167 -0.59 27.97 5.99
N LYS B 168 -1.60 27.18 5.71
CA LYS B 168 -1.58 26.34 4.51
C LYS B 168 -1.52 27.16 3.24
N ARG B 169 -2.40 28.15 3.10
CA ARG B 169 -2.58 28.83 1.82
C ARG B 169 -1.30 29.48 1.28
N ASN B 170 -0.28 29.64 2.10
CA ASN B 170 0.97 30.26 1.68
C ASN B 170 2.14 29.29 1.84
N SER B 171 1.93 28.04 1.43
CA SER B 171 3.00 27.05 1.43
C SER B 171 2.72 26.06 0.30
N VAL B 172 3.78 25.41 -0.16
CA VAL B 172 3.65 24.47 -1.27
C VAL B 172 4.71 23.40 -1.12
N ARG B 173 4.33 22.17 -1.45
CA ARG B 173 5.23 21.04 -1.25
C ARG B 173 5.25 20.15 -2.49
N LEU B 174 6.42 19.62 -2.77
CA LEU B 174 6.65 18.70 -3.87
C LEU B 174 7.13 17.37 -3.30
N VAL B 175 6.47 16.28 -3.70
CA VAL B 175 6.97 14.97 -3.36
C VAL B 175 8.20 14.68 -4.23
N ILE B 176 9.06 13.82 -3.71
CA ILE B 176 10.32 13.49 -4.37
C ILE B 176 10.58 12.01 -4.17
N ARG B 177 11.11 11.35 -5.19
CA ARG B 177 11.48 9.95 -5.09
C ARG B 177 12.98 9.80 -5.34
N LYS B 178 13.61 8.95 -4.55
CA LYS B 178 15.02 8.60 -4.73
C LYS B 178 15.10 7.13 -5.08
N VAL B 179 15.76 6.82 -6.19
CA VAL B 179 15.78 5.48 -6.72
C VAL B 179 17.21 5.09 -7.07
N GLN B 180 17.39 3.81 -7.38
CA GLN B 180 18.69 3.27 -7.73
C GLN B 180 18.56 2.45 -9.01
N TYR B 181 19.68 2.29 -9.70
CA TYR B 181 19.74 1.52 -10.93
C TYR B 181 20.69 0.36 -10.77
N ALA B 182 20.63 -0.55 -11.72
CA ALA B 182 21.38 -1.79 -11.63
C ALA B 182 22.87 -1.51 -11.53
N PRO B 183 23.62 -2.25 -10.70
CA PRO B 183 25.07 -2.14 -10.73
C PRO B 183 25.61 -2.58 -12.08
N GLU B 184 26.42 -1.72 -12.70
CA GLU B 184 26.91 -2.00 -14.04
C GLU B 184 27.71 -3.29 -14.13
N ARG B 185 28.43 -3.64 -13.07
CA ARG B 185 29.23 -4.87 -13.07
C ARG B 185 28.38 -6.01 -12.54
N PRO B 186 27.98 -6.96 -13.39
CA PRO B 186 27.14 -8.07 -12.91
C PRO B 186 27.85 -8.90 -11.86
N GLY B 187 27.09 -9.38 -10.89
CA GLY B 187 27.66 -10.09 -9.77
C GLY B 187 27.99 -11.53 -10.08
N PRO B 188 28.27 -12.31 -9.04
CA PRO B 188 28.55 -13.74 -9.24
C PRO B 188 27.26 -14.52 -9.41
N GLN B 189 27.29 -15.46 -10.34
CA GLN B 189 26.11 -16.26 -10.62
C GLN B 189 25.65 -16.96 -9.34
N PRO B 190 24.39 -16.80 -8.95
CA PRO B 190 23.92 -17.37 -7.69
C PRO B 190 23.44 -18.79 -7.84
N THR B 191 23.62 -19.56 -6.77
CA THR B 191 23.27 -20.97 -6.75
C THR B 191 23.37 -21.46 -5.32
N ALA B 192 22.92 -22.69 -5.11
CA ALA B 192 23.07 -23.38 -3.83
C ALA B 192 22.78 -24.85 -4.07
N GLU B 193 22.92 -25.64 -3.00
CA GLU B 193 22.69 -27.07 -3.06
C GLU B 193 22.65 -27.61 -1.65
N THR B 194 21.99 -28.75 -1.49
CA THR B 194 21.77 -29.40 -0.21
C THR B 194 21.55 -30.88 -0.45
N THR B 195 21.47 -31.63 0.64
CA THR B 195 21.14 -33.05 0.60
C THR B 195 20.26 -33.37 1.78
N ARG B 196 19.52 -34.46 1.67
CA ARG B 196 18.64 -34.89 2.75
C ARG B 196 18.73 -36.39 2.93
N GLN B 197 18.91 -36.83 4.18
CA GLN B 197 18.85 -38.22 4.55
C GLN B 197 17.85 -38.40 5.68
N PHE B 198 17.40 -39.64 5.88
CA PHE B 198 16.36 -39.90 6.86
C PHE B 198 16.59 -41.28 7.48
N LEU B 199 15.73 -41.60 8.46
CA LEU B 199 15.90 -42.83 9.23
C LEU B 199 15.77 -44.08 8.37
N MET B 200 15.28 -43.96 7.15
CA MET B 200 15.11 -45.12 6.27
C MET B 200 16.45 -45.80 6.01
N SER B 201 17.37 -45.09 5.36
CA SER B 201 18.67 -45.64 5.02
C SER B 201 19.67 -44.51 4.91
N ASP B 202 20.88 -44.86 4.47
CA ASP B 202 21.96 -43.90 4.28
C ASP B 202 22.12 -43.67 2.78
N LYS B 203 21.35 -42.73 2.25
CA LYS B 203 21.42 -42.38 0.85
C LYS B 203 20.83 -40.98 0.65
N PRO B 204 21.44 -39.95 1.22
CA PRO B 204 20.84 -38.61 1.16
C PRO B 204 20.73 -38.12 -0.27
N LEU B 205 19.50 -37.87 -0.72
CA LEU B 205 19.32 -37.32 -2.05
C LEU B 205 19.88 -35.91 -2.11
N HIS B 206 20.36 -35.55 -3.29
CA HIS B 206 21.04 -34.29 -3.52
C HIS B 206 20.19 -33.39 -4.38
N LEU B 207 20.35 -32.08 -4.18
CA LEU B 207 19.51 -31.08 -4.84
C LEU B 207 20.34 -29.82 -5.03
N GLU B 208 20.63 -29.48 -6.28
CA GLU B 208 21.35 -28.27 -6.61
C GLU B 208 20.48 -27.38 -7.49
N ALA B 209 20.61 -26.08 -7.29
CA ALA B 209 19.83 -25.12 -8.06
C ALA B 209 20.68 -23.89 -8.32
N SER B 210 20.39 -23.23 -9.44
CA SER B 210 21.19 -22.10 -9.89
C SER B 210 20.32 -21.21 -10.76
N LEU B 211 20.85 -20.04 -11.08
CA LEU B 211 20.14 -19.04 -11.86
C LEU B 211 20.96 -18.64 -13.07
N ASP B 212 20.25 -18.22 -14.12
CA ASP B 212 20.93 -17.80 -15.35
C ASP B 212 21.93 -16.70 -15.09
N LYS B 213 21.56 -15.72 -14.27
CA LYS B 213 22.47 -14.62 -13.95
C LYS B 213 22.11 -14.12 -12.56
N GLU B 214 22.65 -12.96 -12.19
CA GLU B 214 22.51 -12.48 -10.84
C GLU B 214 21.60 -11.27 -10.70
N ILE B 215 21.52 -10.41 -11.72
CA ILE B 215 20.63 -9.27 -11.71
C ILE B 215 19.62 -9.42 -12.84
N TYR B 216 18.36 -9.17 -12.53
CA TYR B 216 17.30 -9.25 -13.52
C TYR B 216 16.56 -7.93 -13.57
N TYR B 217 16.16 -7.52 -14.76
CA TYR B 217 15.33 -6.34 -14.89
C TYR B 217 13.88 -6.74 -14.80
N HIS B 218 13.05 -5.81 -14.33
CA HIS B 218 11.65 -6.13 -14.09
C HIS B 218 11.00 -6.68 -15.35
N GLY B 219 10.58 -7.93 -15.28
CA GLY B 219 10.01 -8.63 -16.40
C GLY B 219 10.97 -9.55 -17.11
N GLU B 220 12.27 -9.38 -16.91
CA GLU B 220 13.24 -10.31 -17.48
C GLU B 220 12.91 -11.70 -16.95
N PRO B 221 12.60 -12.65 -17.83
CA PRO B 221 12.16 -13.96 -17.35
C PRO B 221 13.25 -14.65 -16.54
N ILE B 222 12.91 -15.01 -15.32
CA ILE B 222 13.85 -15.69 -14.45
C ILE B 222 13.85 -17.17 -14.79
N SER B 223 15.05 -17.75 -14.88
CA SER B 223 15.22 -19.15 -15.24
C SER B 223 16.00 -19.86 -14.16
N VAL B 224 15.36 -20.79 -13.50
CA VAL B 224 16.01 -21.64 -12.52
C VAL B 224 16.47 -22.91 -13.20
N ASN B 225 17.67 -23.35 -12.86
CA ASN B 225 18.18 -24.64 -13.30
C ASN B 225 18.30 -25.52 -12.06
N VAL B 226 17.75 -26.73 -12.12
CA VAL B 226 17.73 -27.59 -10.94
C VAL B 226 18.14 -29.00 -11.35
N HIS B 227 18.87 -29.64 -10.45
CA HIS B 227 19.27 -31.03 -10.59
C HIS B 227 19.06 -31.73 -9.26
N VAL B 228 18.72 -33.01 -9.35
CA VAL B 228 18.36 -33.80 -8.18
C VAL B 228 18.84 -35.23 -8.41
N THR B 229 19.36 -35.83 -7.34
CA THR B 229 19.80 -37.23 -7.35
C THR B 229 19.09 -37.91 -6.19
N ASN B 230 18.07 -38.69 -6.51
CA ASN B 230 17.24 -39.39 -5.52
C ASN B 230 17.89 -40.74 -5.21
N ASN B 231 18.83 -40.70 -4.26
CA ASN B 231 19.46 -41.94 -3.82
C ASN B 231 18.51 -42.75 -2.93
N THR B 232 17.88 -42.08 -1.98
CA THR B 232 17.07 -42.77 -0.96
C THR B 232 15.90 -43.51 -1.60
N ASN B 233 15.42 -44.53 -0.91
CA ASN B 233 14.29 -45.32 -1.37
C ASN B 233 12.98 -44.57 -1.15
N LYS B 234 12.85 -43.40 -1.78
CA LYS B 234 11.65 -42.59 -1.64
C LYS B 234 11.39 -41.90 -2.97
N THR B 235 10.18 -41.36 -3.11
CA THR B 235 9.74 -40.74 -4.35
C THR B 235 9.35 -39.29 -4.06
N VAL B 236 9.90 -38.36 -4.84
CA VAL B 236 9.53 -36.96 -4.74
C VAL B 236 8.18 -36.77 -5.44
N LYS B 237 7.17 -36.41 -4.66
CA LYS B 237 5.82 -36.31 -5.23
C LYS B 237 5.71 -35.12 -6.18
N LYS B 238 6.26 -33.97 -5.80
CA LYS B 238 6.08 -32.78 -6.62
C LYS B 238 7.19 -31.78 -6.33
N ILE B 239 7.25 -30.76 -7.18
CA ILE B 239 8.22 -29.68 -7.08
C ILE B 239 7.46 -28.36 -7.08
N LYS B 240 7.91 -27.43 -6.25
CA LYS B 240 7.27 -26.12 -6.13
C LYS B 240 8.38 -25.08 -6.14
N ILE B 241 8.47 -24.33 -7.22
CA ILE B 241 9.39 -23.22 -7.33
C ILE B 241 8.61 -21.95 -7.04
N SER B 242 9.26 -21.00 -6.39
CA SER B 242 8.58 -19.77 -6.01
C SER B 242 9.59 -18.64 -6.07
N VAL B 243 9.08 -17.43 -6.25
CA VAL B 243 9.88 -16.22 -6.14
C VAL B 243 9.17 -15.32 -5.14
N ARG B 244 9.88 -14.99 -4.07
CA ARG B 244 9.34 -14.40 -2.87
C ARG B 244 10.05 -13.10 -2.58
N GLN B 245 9.30 -12.19 -1.96
CA GLN B 245 9.76 -10.84 -1.69
C GLN B 245 9.95 -10.72 -0.18
N TYR B 246 11.18 -10.90 0.26
CA TYR B 246 11.50 -10.70 1.66
C TYR B 246 11.67 -9.20 1.87
N ALA B 247 10.74 -8.61 2.59
CA ALA B 247 10.66 -7.17 2.78
C ALA B 247 10.85 -6.87 4.26
N ASP B 248 12.06 -6.58 4.66
CA ASP B 248 12.34 -6.24 6.05
C ASP B 248 11.87 -4.83 6.36
N ILE B 249 11.18 -4.69 7.49
CA ILE B 249 10.73 -3.41 8.01
C ILE B 249 11.47 -3.14 9.30
N VAL B 250 12.07 -1.97 9.39
CA VAL B 250 12.78 -1.59 10.59
C VAL B 250 11.96 -0.56 11.36
N LEU B 251 11.86 -0.76 12.66
CA LEU B 251 11.17 0.14 13.56
C LEU B 251 11.90 0.07 14.89
N PHE B 252 11.25 0.52 15.96
CA PHE B 252 11.75 0.21 17.30
C PHE B 252 12.04 -1.28 17.42
N ASN B 253 11.16 -2.10 16.87
CA ASN B 253 11.39 -3.53 16.71
C ASN B 253 11.85 -3.82 15.28
N THR B 254 12.32 -5.04 15.08
CA THR B 254 12.71 -5.51 13.77
C THR B 254 11.78 -6.63 13.34
N ALA B 255 11.02 -6.39 12.27
CA ALA B 255 10.07 -7.37 11.77
C ALA B 255 10.33 -7.59 10.28
N GLN B 256 9.96 -8.77 9.81
CA GLN B 256 10.13 -9.12 8.41
C GLN B 256 8.85 -9.73 7.88
N TYR B 257 8.41 -9.27 6.72
CA TYR B 257 7.29 -9.86 6.02
C TYR B 257 7.81 -10.69 4.85
N LYS B 258 6.95 -11.55 4.34
CA LYS B 258 7.32 -12.42 3.22
C LYS B 258 6.08 -12.69 2.40
N VAL B 259 6.09 -12.24 1.15
CA VAL B 259 4.97 -12.41 0.23
C VAL B 259 5.47 -13.17 -0.98
N PRO B 260 4.83 -14.25 -1.37
CA PRO B 260 5.22 -14.97 -2.59
C PRO B 260 4.80 -14.18 -3.82
N VAL B 261 5.77 -13.57 -4.48
CA VAL B 261 5.46 -12.71 -5.62
C VAL B 261 5.02 -13.52 -6.83
N ALA B 262 5.66 -14.66 -7.09
CA ALA B 262 5.13 -15.55 -8.11
C ALA B 262 5.56 -16.96 -7.78
N MET B 263 5.14 -17.93 -8.60
CA MET B 263 5.50 -19.31 -8.33
C MET B 263 5.07 -20.18 -9.50
N GLU B 264 5.34 -21.47 -9.35
CA GLU B 264 4.99 -22.51 -10.31
C GLU B 264 5.21 -23.84 -9.61
N GLU B 265 4.53 -24.87 -10.10
CA GLU B 265 4.69 -26.21 -9.56
C GLU B 265 4.74 -27.20 -10.71
N ALA B 266 5.22 -28.40 -10.40
CA ALA B 266 5.44 -29.40 -11.43
C ALA B 266 5.35 -30.78 -10.81
N ASP B 267 4.60 -31.66 -11.47
CA ASP B 267 4.50 -33.05 -11.06
C ASP B 267 5.55 -33.91 -11.74
N ASP B 268 6.81 -33.49 -11.62
CA ASP B 268 7.92 -34.25 -12.21
C ASP B 268 8.48 -35.24 -11.18
N THR B 269 7.65 -36.23 -10.87
CA THR B 269 8.02 -37.26 -9.91
C THR B 269 9.32 -37.94 -10.33
N VAL B 270 10.08 -38.41 -9.34
CA VAL B 270 11.29 -39.16 -9.59
C VAL B 270 11.28 -40.42 -8.75
N ALA B 271 11.78 -41.49 -9.33
CA ALA B 271 11.83 -42.77 -8.64
C ALA B 271 13.00 -42.80 -7.67
N PRO B 272 12.94 -43.64 -6.65
CA PRO B 272 14.09 -43.78 -5.74
C PRO B 272 15.37 -44.15 -6.49
N SER B 273 16.51 -43.71 -5.96
CA SER B 273 17.82 -44.07 -6.50
C SER B 273 18.03 -43.55 -7.92
N SER B 274 17.07 -42.81 -8.45
CA SER B 274 17.16 -42.27 -9.80
C SER B 274 17.80 -40.89 -9.76
N THR B 275 17.71 -40.15 -10.85
CA THR B 275 18.15 -38.76 -10.86
C THR B 275 17.41 -38.04 -11.98
N PHE B 276 17.53 -36.72 -11.98
CA PHE B 276 16.72 -35.90 -12.87
C PHE B 276 17.26 -34.48 -12.84
N SER B 277 16.95 -33.72 -13.90
CA SER B 277 17.31 -32.31 -13.92
C SER B 277 16.44 -31.61 -14.95
N LYS B 278 16.30 -30.31 -14.77
CA LYS B 278 15.45 -29.52 -15.66
C LYS B 278 15.64 -28.04 -15.35
N VAL B 279 15.36 -27.22 -16.34
CA VAL B 279 15.29 -25.77 -16.18
C VAL B 279 13.84 -25.35 -16.26
N TYR B 280 13.40 -24.60 -15.26
CA TYR B 280 12.08 -24.00 -15.23
C TYR B 280 12.24 -22.49 -15.34
N THR B 281 11.14 -21.81 -15.61
CA THR B 281 11.23 -20.37 -15.69
C THR B 281 9.91 -19.76 -15.26
N LEU B 282 10.00 -18.50 -14.86
CA LEU B 282 8.84 -17.77 -14.34
C LEU B 282 9.28 -16.32 -14.20
N THR B 283 8.30 -15.43 -14.18
CA THR B 283 8.57 -14.00 -14.17
C THR B 283 7.77 -13.34 -13.06
N PRO B 284 8.40 -12.59 -12.19
CA PRO B 284 7.64 -11.75 -11.27
C PRO B 284 6.99 -10.61 -12.02
N PHE B 285 5.76 -10.30 -11.66
CA PHE B 285 5.05 -9.20 -12.29
C PHE B 285 3.81 -8.91 -11.46
N LEU B 286 3.43 -7.64 -11.44
CA LEU B 286 2.40 -7.14 -10.54
C LEU B 286 0.99 -7.48 -10.98
N ALA B 287 0.77 -7.70 -12.28
CA ALA B 287 -0.58 -7.83 -12.82
C ALA B 287 -1.46 -8.75 -11.98
N ASN B 288 -1.04 -9.99 -11.78
CA ASN B 288 -1.83 -10.92 -10.99
C ASN B 288 -1.59 -10.79 -9.50
N ASN B 289 -0.87 -9.78 -9.03
CA ASN B 289 -0.57 -9.61 -7.62
C ASN B 289 -1.17 -8.33 -7.07
N ARG B 290 -2.33 -7.94 -7.58
CA ARG B 290 -3.03 -6.79 -7.03
C ARG B 290 -3.45 -7.03 -5.59
N GLU B 291 -4.28 -8.05 -5.38
CA GLU B 291 -5.01 -8.20 -4.13
C GLU B 291 -4.10 -8.30 -2.92
N LYS B 292 -2.86 -8.73 -3.10
CA LYS B 292 -2.01 -8.99 -1.94
C LYS B 292 -1.61 -7.70 -1.26
N ARG B 293 -2.35 -7.32 -0.22
CA ARG B 293 -2.00 -6.15 0.55
C ARG B 293 -0.61 -6.31 1.16
N GLY B 294 -0.06 -5.20 1.63
CA GLY B 294 1.28 -5.20 2.18
C GLY B 294 2.39 -5.34 1.17
N LEU B 295 2.09 -5.72 -0.06
CA LEU B 295 3.10 -5.77 -1.11
C LEU B 295 3.76 -4.42 -1.26
N ALA B 296 5.05 -4.43 -1.61
CA ALA B 296 5.84 -3.21 -1.68
C ALA B 296 5.95 -2.74 -3.12
N LEU B 297 5.72 -1.45 -3.33
CA LEU B 297 5.81 -0.85 -4.65
C LEU B 297 6.89 0.22 -4.64
N ASP B 298 7.33 0.60 -5.83
CA ASP B 298 8.56 1.36 -5.94
C ASP B 298 8.30 2.85 -5.77
N GLY B 299 7.22 3.20 -5.09
CA GLY B 299 7.00 4.60 -4.79
C GLY B 299 6.15 5.30 -5.82
N LYS B 300 5.32 6.23 -5.37
CA LYS B 300 4.43 6.97 -6.24
C LYS B 300 4.42 8.43 -5.81
N LEU B 301 4.06 9.30 -6.76
CA LEU B 301 3.87 10.71 -6.46
C LEU B 301 2.39 11.02 -6.26
N LYS B 302 1.58 10.72 -7.27
CA LYS B 302 0.15 10.57 -7.14
C LYS B 302 -0.17 9.09 -7.30
N HIS B 303 -1.46 8.77 -7.36
CA HIS B 303 -1.82 7.37 -7.40
C HIS B 303 -1.50 6.76 -8.76
N GLU B 304 -0.22 6.71 -9.09
CA GLU B 304 0.25 6.13 -10.34
C GLU B 304 0.72 4.71 -10.07
N ASP B 305 0.16 3.76 -10.81
CA ASP B 305 0.46 2.34 -10.58
C ASP B 305 1.92 2.08 -10.91
N THR B 306 2.73 1.94 -9.87
CA THR B 306 4.17 1.75 -10.03
C THR B 306 4.44 0.29 -10.34
N ASN B 307 5.69 -0.13 -10.28
CA ASN B 307 6.11 -1.49 -10.54
C ASN B 307 6.62 -2.14 -9.26
N LEU B 308 6.68 -3.47 -9.26
CA LEU B 308 7.10 -4.23 -8.08
C LEU B 308 8.38 -3.65 -7.51
N ALA B 309 8.31 -3.17 -6.27
CA ALA B 309 9.41 -2.42 -5.68
C ALA B 309 10.74 -3.11 -5.94
N SER B 310 11.66 -2.36 -6.53
CA SER B 310 12.94 -2.91 -6.95
C SER B 310 13.83 -3.15 -5.74
N SER B 311 14.56 -4.26 -5.79
CA SER B 311 15.42 -4.63 -4.68
C SER B 311 16.35 -3.48 -4.29
N THR B 312 16.59 -3.35 -3.00
CA THR B 312 17.48 -2.31 -2.49
C THR B 312 18.90 -2.84 -2.56
N LEU B 313 19.70 -2.27 -3.47
CA LEU B 313 21.10 -2.66 -3.55
C LEU B 313 21.82 -2.03 -2.37
N LEU B 314 21.74 -2.67 -1.21
CA LEU B 314 22.40 -2.12 -0.04
C LEU B 314 23.91 -2.28 -0.18
N ARG B 315 24.63 -1.21 0.16
CA ARG B 315 26.08 -1.30 0.23
C ARG B 315 26.46 -2.35 1.28
N GLU B 316 27.54 -3.08 1.01
CA GLU B 316 27.94 -4.17 1.88
C GLU B 316 28.13 -3.69 3.31
N GLY B 317 27.60 -4.47 4.25
CA GLY B 317 27.71 -4.11 5.65
C GLY B 317 27.09 -2.77 6.00
N ALA B 318 26.08 -2.34 5.25
CA ALA B 318 25.44 -1.07 5.53
C ALA B 318 24.80 -1.09 6.92
N ASN B 319 24.75 0.09 7.53
CA ASN B 319 24.13 0.22 8.84
C ASN B 319 22.62 0.15 8.71
N ARG B 320 22.10 -1.01 8.35
CA ARG B 320 20.69 -1.19 8.05
C ARG B 320 19.78 -0.81 9.21
N GLU B 321 20.33 -0.55 10.40
CA GLU B 321 19.51 -0.16 11.53
C GLU B 321 18.71 1.10 11.23
N ILE B 322 19.34 2.07 10.55
CA ILE B 322 18.64 3.30 10.23
C ILE B 322 17.65 3.10 9.10
N LEU B 323 17.96 2.19 8.18
CA LEU B 323 17.16 2.00 6.98
C LEU B 323 15.74 1.59 7.34
N GLY B 324 14.78 2.42 7.00
CA GLY B 324 13.38 2.14 7.28
C GLY B 324 12.90 0.82 6.69
N ILE B 325 12.86 0.72 5.37
CA ILE B 325 12.44 -0.49 4.69
C ILE B 325 13.59 -0.99 3.84
N ILE B 326 13.79 -2.30 3.84
CA ILE B 326 14.76 -2.94 2.95
C ILE B 326 14.00 -4.03 2.20
N VAL B 327 14.34 -4.21 0.94
CA VAL B 327 13.66 -5.20 0.13
C VAL B 327 14.70 -6.13 -0.48
N SER B 328 14.32 -7.39 -0.66
CA SER B 328 15.16 -8.33 -1.35
C SER B 328 14.28 -9.41 -1.92
N TYR B 329 14.72 -10.01 -3.05
CA TYR B 329 13.93 -11.07 -3.73
C TYR B 329 14.72 -12.38 -3.75
N LYS B 330 14.08 -13.47 -3.33
CA LYS B 330 14.73 -14.77 -3.29
C LYS B 330 13.87 -15.79 -4.02
N VAL B 331 14.48 -16.55 -4.84
CA VAL B 331 13.80 -17.70 -5.40
C VAL B 331 13.98 -18.83 -4.42
N LYS B 332 13.03 -19.77 -4.41
CA LYS B 332 13.05 -20.87 -3.45
C LYS B 332 12.45 -22.09 -4.12
N VAL B 333 13.18 -23.20 -4.05
CA VAL B 333 12.78 -24.46 -4.64
C VAL B 333 12.46 -25.43 -3.52
N LYS B 334 11.33 -26.11 -3.65
CA LYS B 334 10.88 -27.08 -2.67
C LYS B 334 10.59 -28.37 -3.39
N LEU B 335 11.01 -29.48 -2.82
CA LEU B 335 10.70 -30.81 -3.31
C LEU B 335 9.88 -31.50 -2.23
N VAL B 336 8.63 -31.82 -2.55
CA VAL B 336 7.75 -32.54 -1.64
C VAL B 336 7.75 -34.00 -2.06
N VAL B 337 7.94 -34.88 -1.08
CA VAL B 337 8.18 -36.30 -1.34
C VAL B 337 7.12 -37.10 -0.60
N SER B 338 7.05 -38.40 -0.91
CA SER B 338 6.16 -39.30 -0.18
C SER B 338 6.92 -40.04 0.90
N ARG B 339 6.38 -40.02 2.12
CA ARG B 339 6.93 -40.76 3.24
C ARG B 339 6.24 -42.10 3.44
N GLY B 340 5.48 -42.57 2.45
CA GLY B 340 4.74 -43.80 2.59
C GLY B 340 5.63 -45.01 2.74
N GLY B 341 4.99 -46.14 3.01
CA GLY B 341 5.70 -47.39 3.21
C GLY B 341 5.17 -48.17 4.40
N LEU B 342 6.05 -48.86 5.11
CA LEU B 342 5.64 -49.56 6.33
C LEU B 342 5.06 -48.61 7.36
N LEU B 343 5.42 -47.33 7.31
CA LEU B 343 4.82 -46.32 8.16
C LEU B 343 4.86 -45.00 7.40
N GLY B 344 3.74 -44.64 6.78
CA GLY B 344 3.69 -43.41 6.01
C GLY B 344 2.40 -43.33 5.22
N ASP B 345 2.09 -42.10 4.81
CA ASP B 345 0.88 -41.81 4.07
C ASP B 345 1.11 -40.51 3.29
N LEU B 346 0.02 -39.92 2.79
CA LEU B 346 0.11 -38.64 2.09
C LEU B 346 0.87 -37.60 2.90
N ALA B 347 0.70 -37.60 4.22
CA ALA B 347 1.48 -36.71 5.06
C ALA B 347 2.97 -37.06 4.97
N SER B 348 3.79 -36.06 4.68
CA SER B 348 5.22 -36.29 4.47
C SER B 348 5.95 -34.97 4.53
N SER B 349 7.28 -35.05 4.62
CA SER B 349 8.15 -33.90 4.72
C SER B 349 8.72 -33.54 3.35
N ASP B 350 9.51 -32.49 3.31
CA ASP B 350 10.00 -31.95 2.05
C ASP B 350 11.34 -31.27 2.27
N VAL B 351 11.96 -30.85 1.17
CA VAL B 351 13.22 -30.12 1.21
C VAL B 351 13.03 -28.78 0.53
N ALA B 352 13.90 -27.84 0.87
CA ALA B 352 13.79 -26.50 0.29
C ALA B 352 15.16 -25.84 0.31
N VAL B 353 15.40 -25.00 -0.70
CA VAL B 353 16.65 -24.28 -0.83
C VAL B 353 16.38 -22.94 -1.52
N GLU B 354 17.08 -21.90 -1.08
CA GLU B 354 16.78 -20.56 -1.53
C GLU B 354 18.02 -19.91 -2.15
N LEU B 355 17.77 -19.12 -3.19
CA LEU B 355 18.81 -18.33 -3.85
C LEU B 355 18.37 -16.87 -3.87
N PRO B 356 19.06 -15.98 -3.18
CA PRO B 356 18.72 -14.56 -3.28
C PRO B 356 19.21 -14.01 -4.61
N PHE B 357 18.59 -12.91 -5.04
CA PHE B 357 19.03 -12.24 -6.26
C PHE B 357 18.60 -10.78 -6.19
N THR B 358 18.73 -10.08 -7.32
CA THR B 358 18.48 -8.66 -7.39
C THR B 358 17.58 -8.35 -8.57
N LEU B 359 16.65 -7.42 -8.36
CA LEU B 359 15.70 -7.03 -9.40
C LEU B 359 15.66 -5.52 -9.46
N MET B 360 16.24 -4.93 -10.49
CA MET B 360 16.35 -3.49 -10.58
C MET B 360 16.26 -3.05 -12.02
N HIS B 361 16.41 -1.76 -12.24
CA HIS B 361 16.33 -1.10 -13.53
C HIS B 361 17.71 -0.76 -14.04
N PRO B 362 17.87 -0.60 -15.34
CA PRO B 362 19.13 -0.10 -15.88
C PRO B 362 19.30 1.38 -15.58
N LYS B 363 20.33 2.01 -16.14
CA LYS B 363 20.57 3.43 -15.90
C LYS B 363 20.15 4.25 -17.12
N PRO B 364 18.91 4.70 -17.16
CA PRO B 364 18.44 5.45 -18.33
C PRO B 364 18.79 6.91 -18.24
N LYS B 365 18.29 7.71 -19.18
CA LYS B 365 18.56 9.14 -19.21
C LYS B 365 17.42 10.01 -18.70
N GLU B 366 16.23 9.43 -18.47
CA GLU B 366 15.10 10.20 -17.96
C GLU B 366 14.01 9.22 -17.52
N GLU B 367 13.14 9.69 -16.63
CA GLU B 367 12.04 8.83 -16.11
C GLU B 367 10.69 9.41 -16.57
N PRO B 368 9.59 8.62 -16.53
CA PRO B 368 8.27 9.10 -16.95
C PRO B 368 7.47 9.63 -15.77
N PRO B 369 6.95 10.89 -15.82
CA PRO B 369 6.17 11.45 -14.72
C PRO B 369 4.70 10.99 -14.78
N HIS B 370 4.47 9.70 -14.52
CA HIS B 370 3.09 9.13 -14.55
C HIS B 370 2.41 9.49 -15.86
N ARG B 371 2.99 9.07 -17.00
CA ARG B 371 2.43 9.37 -18.34
C ARG B 371 1.86 8.09 -18.95
N GLU B 372 1.29 8.19 -20.16
CA GLU B 372 0.69 7.02 -20.86
C GLU B 372 -0.26 6.28 -19.91
N VAL C 5 14.88 -10.05 -31.80
CA VAL C 5 14.78 -8.64 -32.13
C VAL C 5 13.67 -8.43 -33.14
N GLN C 6 13.44 -9.45 -33.95
CA GLN C 6 12.42 -9.40 -34.98
C GLN C 6 11.04 -9.44 -34.33
N LEU C 7 10.01 -9.28 -35.16
CA LEU C 7 8.63 -9.32 -34.67
C LEU C 7 7.72 -9.64 -35.84
N VAL C 8 7.13 -10.82 -35.81
CA VAL C 8 6.29 -11.25 -36.90
C VAL C 8 4.86 -10.81 -36.61
N GLU C 9 4.05 -10.64 -37.66
CA GLU C 9 2.66 -10.28 -37.50
C GLU C 9 1.87 -10.91 -38.64
N SER C 10 0.67 -11.40 -38.35
CA SER C 10 -0.18 -12.01 -39.36
C SER C 10 -1.61 -12.06 -38.82
N GLY C 11 -2.46 -12.79 -39.52
CA GLY C 11 -3.82 -12.97 -39.08
C GLY C 11 -4.80 -11.96 -39.61
N GLY C 12 -4.59 -11.47 -40.83
CA GLY C 12 -5.45 -10.46 -41.41
C GLY C 12 -5.84 -10.82 -42.84
N GLY C 13 -6.78 -10.05 -43.36
CA GLY C 13 -7.27 -10.27 -44.72
C GLY C 13 -8.56 -9.50 -44.94
N LEU C 14 -9.37 -10.02 -45.87
CA LEU C 14 -10.63 -9.41 -46.23
C LEU C 14 -11.75 -10.00 -45.39
N VAL C 15 -12.55 -9.13 -44.77
CA VAL C 15 -13.61 -9.53 -43.85
C VAL C 15 -14.86 -8.74 -44.22
N GLN C 16 -16.02 -9.29 -43.86
CA GLN C 16 -17.32 -8.68 -44.07
C GLN C 16 -17.68 -7.78 -42.90
N PRO C 17 -18.61 -6.84 -43.09
CA PRO C 17 -18.98 -5.93 -42.00
C PRO C 17 -19.50 -6.67 -40.78
N GLY C 18 -19.28 -6.07 -39.61
CA GLY C 18 -19.67 -6.66 -38.34
C GLY C 18 -18.91 -7.88 -37.93
N GLY C 19 -18.05 -8.42 -38.79
CA GLY C 19 -17.41 -9.70 -38.57
C GLY C 19 -16.36 -9.70 -37.49
N SER C 20 -15.41 -10.64 -37.59
CA SER C 20 -14.42 -10.84 -36.55
C SER C 20 -13.20 -11.52 -37.13
N LEU C 21 -12.04 -11.20 -36.54
CA LEU C 21 -10.78 -11.80 -36.94
C LEU C 21 -9.71 -11.55 -35.89
N ARG C 22 -9.01 -12.61 -35.47
CA ARG C 22 -8.02 -12.52 -34.40
C ARG C 22 -6.62 -12.36 -35.01
N LEU C 23 -6.36 -11.13 -35.47
CA LEU C 23 -5.02 -10.82 -35.95
C LEU C 23 -4.04 -10.87 -34.80
N SER C 24 -2.88 -11.47 -35.06
CA SER C 24 -1.93 -11.75 -34.00
C SER C 24 -0.54 -11.34 -34.43
N CYS C 25 0.34 -11.22 -33.44
CA CYS C 25 1.74 -11.00 -33.79
C CYS C 25 2.63 -11.46 -32.64
N ALA C 26 3.78 -12.00 -33.01
CA ALA C 26 4.70 -12.61 -32.07
C ALA C 26 5.99 -11.83 -32.02
N ALA C 27 6.60 -11.83 -30.83
CA ALA C 27 7.76 -10.99 -30.51
C ALA C 27 8.94 -11.91 -30.26
N SER C 28 9.76 -12.10 -31.28
CA SER C 28 10.97 -12.91 -31.16
C SER C 28 11.99 -12.15 -30.33
N GLY C 29 12.13 -12.54 -29.06
CA GLY C 29 13.14 -11.94 -28.22
C GLY C 29 12.62 -10.80 -27.37
N PHE C 30 11.37 -10.94 -26.91
CA PHE C 30 10.74 -9.91 -26.10
C PHE C 30 9.80 -10.59 -25.11
N ASN C 31 10.30 -10.80 -23.89
CA ASN C 31 9.43 -11.13 -22.78
C ASN C 31 8.31 -10.11 -22.73
N VAL C 32 7.07 -10.57 -22.93
CA VAL C 32 5.96 -9.62 -22.98
C VAL C 32 5.87 -8.81 -21.72
N TYR C 33 6.39 -9.34 -20.62
CA TYR C 33 6.27 -8.66 -19.33
C TYR C 33 7.27 -7.53 -19.22
N SER C 34 7.90 -7.14 -20.33
CA SER C 34 8.75 -5.96 -20.31
C SER C 34 8.58 -5.10 -21.56
N SER C 35 7.57 -5.36 -22.38
CA SER C 35 7.40 -4.60 -23.61
C SER C 35 5.92 -4.59 -23.94
N SER C 36 5.25 -3.50 -23.62
CA SER C 36 3.85 -3.37 -23.96
C SER C 36 3.67 -3.46 -25.46
N ILE C 37 2.45 -3.79 -25.88
CA ILE C 37 2.15 -3.90 -27.28
C ILE C 37 1.11 -2.86 -27.65
N HIS C 38 1.14 -2.43 -28.89
CA HIS C 38 0.12 -1.53 -29.40
C HIS C 38 -0.16 -1.91 -30.84
N TRP C 39 -1.34 -1.56 -31.30
CA TRP C 39 -1.67 -1.67 -32.70
C TRP C 39 -2.19 -0.33 -33.17
N VAL C 40 -1.90 -0.03 -34.43
CA VAL C 40 -2.10 1.31 -34.98
C VAL C 40 -2.55 1.17 -36.43
N ARG C 41 -3.50 2.01 -36.80
CA ARG C 41 -4.10 1.96 -38.13
C ARG C 41 -3.45 2.99 -39.05
N GLN C 42 -3.38 2.63 -40.32
CA GLN C 42 -3.09 3.58 -41.39
C GLN C 42 -4.16 3.37 -42.45
N ALA C 43 -5.05 4.34 -42.59
CA ALA C 43 -5.96 4.34 -43.73
C ALA C 43 -5.14 4.58 -44.99
N PRO C 44 -5.32 3.75 -46.03
CA PRO C 44 -4.47 3.87 -47.23
C PRO C 44 -4.42 5.30 -47.76
N GLY C 45 -3.24 5.91 -47.68
CA GLY C 45 -3.09 7.31 -48.01
C GLY C 45 -3.74 8.21 -46.99
N LYS C 46 -3.38 8.05 -45.73
CA LYS C 46 -3.93 8.89 -44.67
C LYS C 46 -3.01 8.80 -43.45
N GLY C 47 -3.28 9.66 -42.47
CA GLY C 47 -2.45 9.69 -41.28
C GLY C 47 -2.63 8.45 -40.44
N LEU C 48 -1.55 8.08 -39.75
CA LEU C 48 -1.60 6.92 -38.87
C LEU C 48 -2.59 7.16 -37.74
N GLU C 49 -3.23 6.09 -37.29
CA GLU C 49 -4.23 6.16 -36.25
C GLU C 49 -3.98 5.05 -35.24
N TRP C 50 -3.57 5.42 -34.04
CA TRP C 50 -3.43 4.43 -32.98
C TRP C 50 -4.73 3.67 -32.81
N VAL C 51 -4.61 2.40 -32.44
CA VAL C 51 -5.80 1.57 -32.33
C VAL C 51 -5.95 1.06 -30.91
N ALA C 52 -4.97 0.31 -30.44
CA ALA C 52 -5.15 -0.38 -29.18
C ALA C 52 -3.82 -0.53 -28.48
N SER C 53 -3.87 -0.87 -27.19
CA SER C 53 -2.66 -1.08 -26.42
C SER C 53 -2.93 -2.07 -25.31
N ILE C 54 -1.92 -2.88 -25.01
CA ILE C 54 -1.95 -3.85 -23.93
C ILE C 54 -0.63 -3.76 -23.17
N SER C 55 -0.72 -3.79 -21.84
CA SER C 55 0.46 -3.76 -20.98
C SER C 55 0.34 -4.94 -20.03
N SER C 56 0.98 -6.05 -20.40
CA SER C 56 0.87 -7.28 -19.62
C SER C 56 1.23 -7.06 -18.16
N TYR C 57 2.35 -6.36 -17.91
CA TYR C 57 2.86 -6.20 -16.56
C TYR C 57 1.88 -5.40 -15.71
N TYR C 58 0.79 -4.97 -16.30
CA TYR C 58 -0.29 -4.40 -15.52
C TYR C 58 -1.64 -4.97 -15.90
N GLY C 59 -1.72 -5.82 -16.92
CA GLY C 59 -3.00 -6.31 -17.38
C GLY C 59 -3.86 -5.27 -18.04
N TYR C 60 -3.51 -4.00 -17.94
CA TYR C 60 -4.34 -2.95 -18.51
C TYR C 60 -4.35 -3.03 -20.03
N THR C 61 -5.49 -2.70 -20.60
CA THR C 61 -5.61 -2.46 -22.03
C THR C 61 -6.30 -1.14 -22.23
N TYR C 62 -6.10 -0.56 -23.39
CA TYR C 62 -6.79 0.65 -23.78
C TYR C 62 -7.16 0.53 -25.24
N TYR C 63 -8.42 0.77 -25.55
CA TYR C 63 -8.91 0.61 -26.89
C TYR C 63 -9.22 1.98 -27.50
N ALA C 64 -9.26 2.01 -28.83
CA ALA C 64 -9.58 3.23 -29.53
C ALA C 64 -11.00 3.67 -29.19
N ASP C 65 -11.14 4.91 -28.73
CA ASP C 65 -12.46 5.47 -28.45
C ASP C 65 -13.39 5.24 -29.63
N SER C 66 -12.86 5.28 -30.85
CA SER C 66 -13.67 5.03 -32.04
C SER C 66 -14.31 3.65 -31.99
N VAL C 67 -13.59 2.65 -31.50
CA VAL C 67 -14.10 1.28 -31.53
C VAL C 67 -14.00 0.66 -30.16
N LYS C 68 -14.01 1.50 -29.12
CA LYS C 68 -13.97 1.03 -27.74
C LYS C 68 -15.03 -0.05 -27.52
N GLY C 69 -14.58 -1.27 -27.22
CA GLY C 69 -15.47 -2.40 -27.08
C GLY C 69 -15.75 -3.16 -28.35
N ARG C 70 -15.60 -2.53 -29.51
CA ARG C 70 -15.85 -3.24 -30.76
C ARG C 70 -14.90 -4.42 -30.94
N PHE C 71 -13.63 -4.22 -30.63
CA PHE C 71 -12.62 -5.26 -30.78
C PHE C 71 -12.25 -5.80 -29.40
N THR C 72 -11.29 -6.71 -29.37
CA THR C 72 -10.77 -7.19 -28.09
C THR C 72 -9.32 -7.62 -28.24
N ILE C 73 -8.44 -6.98 -27.48
CA ILE C 73 -7.03 -7.30 -27.50
C ILE C 73 -6.74 -8.22 -26.33
N SER C 74 -5.63 -8.93 -26.42
CA SER C 74 -5.20 -9.87 -25.39
C SER C 74 -3.78 -10.30 -25.71
N ALA C 75 -3.25 -11.20 -24.89
CA ALA C 75 -1.89 -11.67 -25.10
C ALA C 75 -1.76 -13.10 -24.57
N ASP C 76 -0.68 -13.75 -24.98
CA ASP C 76 -0.38 -15.12 -24.61
C ASP C 76 1.08 -15.15 -24.16
N THR C 77 1.28 -15.23 -22.85
CA THR C 77 2.64 -15.16 -22.30
C THR C 77 3.41 -16.42 -22.60
N SER C 78 2.73 -17.57 -22.64
CA SER C 78 3.38 -18.84 -22.90
C SER C 78 4.13 -18.85 -24.23
N LYS C 79 3.71 -18.03 -25.18
CA LYS C 79 4.38 -17.95 -26.47
C LYS C 79 4.95 -16.57 -26.74
N ASN C 80 4.78 -15.64 -25.79
CA ASN C 80 5.14 -14.24 -25.98
C ASN C 80 4.51 -13.69 -27.25
N THR C 81 3.18 -13.80 -27.32
CA THR C 81 2.44 -13.36 -28.49
C THR C 81 1.32 -12.42 -28.07
N ALA C 82 0.73 -11.75 -29.05
CA ALA C 82 -0.35 -10.82 -28.80
C ALA C 82 -1.46 -11.04 -29.80
N TYR C 83 -2.69 -10.98 -29.31
CA TYR C 83 -3.89 -11.29 -30.07
C TYR C 83 -4.81 -10.09 -30.11
N LEU C 84 -5.62 -10.02 -31.16
CA LEU C 84 -6.64 -8.99 -31.27
C LEU C 84 -7.75 -9.53 -32.15
N GLN C 85 -8.85 -9.95 -31.53
CA GLN C 85 -10.05 -10.32 -32.25
C GLN C 85 -10.82 -9.03 -32.49
N MET C 86 -10.60 -8.44 -33.66
CA MET C 86 -11.42 -7.33 -34.10
C MET C 86 -12.81 -7.86 -34.43
N ASN C 87 -13.82 -7.27 -33.81
CA ASN C 87 -15.20 -7.71 -33.96
C ASN C 87 -16.07 -6.51 -34.29
N SER C 88 -17.25 -6.81 -34.84
CA SER C 88 -18.27 -5.79 -35.08
C SER C 88 -17.71 -4.64 -35.90
N LEU C 89 -17.33 -4.94 -37.13
CA LEU C 89 -16.65 -3.97 -37.96
C LEU C 89 -17.53 -2.77 -38.27
N ARG C 90 -17.13 -1.61 -37.76
CA ARG C 90 -17.59 -0.33 -38.26
C ARG C 90 -16.71 0.06 -39.44
N ALA C 91 -17.35 0.40 -40.56
CA ALA C 91 -16.67 0.46 -41.86
C ALA C 91 -15.47 1.40 -41.86
N GLU C 92 -15.27 2.19 -40.80
CA GLU C 92 -14.11 3.08 -40.71
C GLU C 92 -12.85 2.30 -40.34
N ASP C 93 -12.91 0.97 -40.42
CA ASP C 93 -11.80 0.13 -39.99
C ASP C 93 -10.97 -0.43 -41.15
N THR C 94 -11.45 -0.30 -42.39
CA THR C 94 -10.70 -0.81 -43.54
C THR C 94 -9.42 -0.03 -43.72
N ALA C 95 -8.29 -0.64 -43.41
CA ALA C 95 -7.00 0.05 -43.41
C ALA C 95 -5.89 -0.99 -43.34
N VAL C 96 -4.67 -0.53 -43.10
CA VAL C 96 -3.57 -1.41 -42.72
C VAL C 96 -3.39 -1.29 -41.21
N TYR C 97 -2.95 -2.36 -40.58
CA TYR C 97 -2.81 -2.41 -39.13
C TYR C 97 -1.42 -2.91 -38.80
N TYR C 98 -0.70 -2.11 -38.02
CA TYR C 98 0.62 -2.49 -37.55
C TYR C 98 0.53 -2.81 -36.07
N CYS C 99 1.38 -3.74 -35.63
CA CYS C 99 1.57 -3.97 -34.21
C CYS C 99 3.02 -3.68 -33.86
N ALA C 100 3.23 -3.03 -32.73
CA ALA C 100 4.54 -2.51 -32.39
C ALA C 100 4.72 -2.58 -30.88
N ARG C 101 5.98 -2.57 -30.47
CA ARG C 101 6.32 -2.71 -29.07
C ARG C 101 6.90 -1.42 -28.53
N SER C 102 6.50 -1.07 -27.33
CA SER C 102 7.20 -0.07 -26.55
C SER C 102 8.19 -0.78 -25.63
N ARG C 103 8.73 -0.07 -24.66
CA ARG C 103 9.35 -0.68 -23.49
C ARG C 103 8.36 -0.54 -22.34
N GLN C 104 7.74 -1.65 -21.92
CA GLN C 104 6.67 -1.59 -20.95
C GLN C 104 7.07 -0.87 -19.68
N PHE C 105 8.34 -0.54 -19.54
CA PHE C 105 8.81 0.39 -18.54
C PHE C 105 9.43 1.58 -19.25
N TRP C 106 9.01 2.77 -18.87
CA TRP C 106 9.68 3.96 -19.36
C TRP C 106 9.49 4.10 -20.86
N TYR C 107 8.22 4.23 -21.25
CA TYR C 107 7.78 4.38 -22.66
C TYR C 107 8.73 5.35 -23.37
N SER C 108 9.25 4.92 -24.52
CA SER C 108 10.18 5.73 -25.29
C SER C 108 9.87 5.63 -26.76
N GLY C 109 8.60 5.51 -27.10
CA GLY C 109 8.19 5.47 -28.48
C GLY C 109 8.23 4.08 -29.07
N LEU C 110 7.54 3.93 -30.20
CA LEU C 110 7.28 2.63 -30.80
C LEU C 110 8.55 2.14 -31.50
N ASP C 111 9.49 1.68 -30.68
CA ASP C 111 10.85 1.40 -31.13
C ASP C 111 10.95 0.25 -32.12
N TYR C 112 9.92 -0.57 -32.28
CA TYR C 112 10.02 -1.70 -33.18
C TYR C 112 8.67 -1.98 -33.81
N TRP C 113 8.66 -2.26 -35.10
CA TRP C 113 7.42 -2.41 -35.85
C TRP C 113 7.46 -3.69 -36.65
N GLY C 114 6.43 -4.50 -36.50
CA GLY C 114 6.22 -5.60 -37.41
C GLY C 114 5.85 -5.08 -38.78
N GLN C 115 5.78 -6.01 -39.73
CA GLN C 115 5.43 -5.64 -41.10
C GLN C 115 3.95 -5.33 -41.26
N GLY C 116 3.17 -5.41 -40.19
CA GLY C 116 1.76 -5.09 -40.26
C GLY C 116 0.98 -6.02 -41.17
N THR C 117 -0.26 -5.66 -41.48
CA THR C 117 -1.08 -6.45 -42.38
C THR C 117 -2.30 -5.65 -42.79
N LEU C 118 -2.72 -5.83 -44.04
CA LEU C 118 -3.85 -5.08 -44.57
C LEU C 118 -5.16 -5.80 -44.24
N VAL C 119 -6.07 -5.09 -43.57
CA VAL C 119 -7.36 -5.64 -43.21
C VAL C 119 -8.43 -4.64 -43.62
N THR C 120 -9.29 -5.04 -44.55
CA THR C 120 -10.31 -4.17 -45.10
C THR C 120 -11.68 -4.80 -44.96
N VAL C 121 -12.69 -3.97 -44.73
CA VAL C 121 -14.08 -4.40 -44.68
C VAL C 121 -14.70 -4.17 -46.04
N SER C 122 -15.37 -5.19 -46.57
CA SER C 122 -16.06 -5.05 -47.84
C SER C 122 -17.08 -6.18 -47.95
N SER C 123 -17.66 -6.33 -49.14
CA SER C 123 -18.64 -7.37 -49.40
C SER C 123 -17.99 -8.52 -50.19
N SER D 1 -8.54 15.49 -22.80
CA SER D 1 -9.39 15.21 -23.95
C SER D 1 -8.60 14.56 -25.08
N ASP D 2 -9.27 14.36 -26.21
CA ASP D 2 -8.60 13.84 -27.40
C ASP D 2 -7.78 14.94 -28.04
N ILE D 3 -6.53 15.09 -27.59
CA ILE D 3 -5.67 16.14 -28.12
C ILE D 3 -5.45 15.92 -29.61
N GLN D 4 -5.57 16.99 -30.38
CA GLN D 4 -5.34 16.95 -31.80
C GLN D 4 -3.96 17.52 -32.12
N MET D 5 -3.41 17.07 -33.23
CA MET D 5 -2.10 17.51 -33.69
C MET D 5 -2.24 18.16 -35.05
N THR D 6 -1.33 19.09 -35.35
CA THR D 6 -1.35 19.84 -36.59
C THR D 6 0.07 19.86 -37.13
N GLN D 7 0.33 19.00 -38.12
CA GLN D 7 1.65 18.91 -38.74
C GLN D 7 1.74 19.91 -39.87
N SER D 8 2.50 20.98 -39.65
CA SER D 8 2.67 22.04 -40.63
C SER D 8 4.11 22.06 -41.15
N PRO D 9 4.29 22.14 -42.47
CA PRO D 9 3.19 22.14 -43.43
C PRO D 9 2.63 20.74 -43.65
N SER D 10 1.69 20.59 -44.57
CA SER D 10 1.15 19.28 -44.88
C SER D 10 1.93 18.58 -45.99
N SER D 11 2.76 19.30 -46.73
CA SER D 11 3.65 18.70 -47.72
C SER D 11 4.86 19.61 -47.86
N LEU D 12 5.86 19.13 -48.58
CA LEU D 12 7.11 19.87 -48.69
C LEU D 12 7.89 19.36 -49.90
N SER D 13 8.29 20.28 -50.77
CA SER D 13 9.24 19.98 -51.83
C SER D 13 10.55 20.67 -51.51
N ALA D 14 11.65 19.93 -51.60
CA ALA D 14 12.95 20.48 -51.25
C ALA D 14 14.02 19.77 -52.07
N SER D 15 15.25 20.25 -51.92
CA SER D 15 16.39 19.80 -52.69
C SER D 15 17.38 19.04 -51.83
N VAL D 16 18.20 18.22 -52.48
CA VAL D 16 19.27 17.53 -51.79
C VAL D 16 20.22 18.53 -51.16
N GLY D 17 20.84 18.13 -50.05
CA GLY D 17 21.80 18.95 -49.36
C GLY D 17 21.22 20.10 -48.56
N ASP D 18 19.91 20.23 -48.50
CA ASP D 18 19.27 21.33 -47.79
C ASP D 18 18.98 20.96 -46.34
N ARG D 19 19.02 21.96 -45.47
CA ARG D 19 18.61 21.83 -44.08
C ARG D 19 17.18 22.35 -43.97
N VAL D 20 16.28 21.51 -43.49
CA VAL D 20 14.84 21.78 -43.57
C VAL D 20 14.20 21.53 -42.21
N THR D 21 13.18 22.34 -41.90
CA THR D 21 12.42 22.19 -40.67
C THR D 21 10.97 21.91 -41.00
N ILE D 22 10.34 21.14 -40.10
CA ILE D 22 8.90 20.74 -40.13
C ILE D 22 8.38 20.84 -38.69
N THR D 23 7.20 21.41 -38.49
CA THR D 23 6.68 21.61 -37.15
C THR D 23 5.37 20.87 -37.00
N CYS D 24 4.90 20.78 -35.76
CA CYS D 24 3.53 20.36 -35.50
C CYS D 24 3.13 20.88 -34.13
N ARG D 25 1.93 21.41 -34.07
CA ARG D 25 1.37 22.00 -32.86
C ARG D 25 0.36 21.07 -32.22
N ALA D 26 0.27 21.14 -30.90
CA ALA D 26 -0.64 20.31 -30.13
C ALA D 26 -1.79 21.16 -29.63
N SER D 27 -2.99 20.57 -29.63
CA SER D 27 -4.18 21.28 -29.19
C SER D 27 -4.15 21.58 -27.70
N GLN D 28 -3.14 21.07 -27.00
CA GLN D 28 -2.96 21.37 -25.59
C GLN D 28 -1.46 21.36 -25.30
N SER D 29 -1.11 21.36 -24.02
CA SER D 29 0.29 21.25 -23.62
C SER D 29 0.56 19.81 -23.22
N VAL D 30 1.48 19.16 -23.94
CA VAL D 30 1.82 17.77 -23.71
C VAL D 30 3.20 17.59 -23.14
N SER D 31 3.93 18.68 -22.90
CA SER D 31 5.17 18.64 -22.13
C SER D 31 6.19 17.68 -22.73
N SER D 32 6.62 17.98 -23.95
CA SER D 32 7.75 17.33 -24.61
C SER D 32 7.57 15.82 -24.76
N ALA D 33 6.37 15.30 -24.56
CA ALA D 33 6.15 13.86 -24.66
C ALA D 33 5.84 13.45 -26.09
N VAL D 34 6.68 13.88 -27.02
CA VAL D 34 6.41 13.67 -28.43
C VAL D 34 7.60 12.99 -29.08
N ALA D 35 7.31 12.17 -30.07
CA ALA D 35 8.30 11.45 -30.83
C ALA D 35 8.05 11.68 -32.31
N TRP D 36 9.14 11.78 -33.06
CA TRP D 36 9.13 11.90 -34.50
C TRP D 36 9.57 10.59 -35.11
N TYR D 37 8.76 10.06 -36.02
CA TYR D 37 9.01 8.85 -36.78
C TYR D 37 9.14 9.17 -38.25
N GLN D 38 9.87 8.31 -38.95
CA GLN D 38 9.95 8.32 -40.41
C GLN D 38 9.19 7.12 -40.97
N GLN D 39 8.65 7.29 -42.18
CA GLN D 39 8.10 6.17 -42.93
C GLN D 39 8.33 6.41 -44.41
N LYS D 40 8.89 5.42 -45.06
CA LYS D 40 8.97 5.43 -46.50
C LYS D 40 7.76 4.75 -47.10
N PRO D 41 7.45 5.02 -48.37
CA PRO D 41 6.30 4.36 -49.00
C PRO D 41 6.38 2.84 -48.92
N GLY D 42 5.33 2.22 -48.41
CA GLY D 42 5.27 0.78 -48.29
C GLY D 42 5.88 0.23 -47.03
N LYS D 43 7.13 0.61 -46.76
CA LYS D 43 7.84 0.08 -45.60
C LYS D 43 7.17 0.50 -44.31
N ALA D 44 7.44 -0.26 -43.25
CA ALA D 44 6.91 0.03 -41.93
C ALA D 44 7.72 1.15 -41.27
N PRO D 45 7.08 2.06 -40.55
CA PRO D 45 7.79 3.24 -40.05
C PRO D 45 8.79 2.87 -38.96
N LYS D 46 9.66 3.83 -38.67
CA LYS D 46 10.66 3.70 -37.63
C LYS D 46 10.69 4.95 -36.79
N LEU D 47 10.93 4.77 -35.49
CA LEU D 47 11.13 5.91 -34.63
C LEU D 47 12.40 6.66 -35.02
N LEU D 48 12.36 7.97 -34.91
CA LEU D 48 13.55 8.79 -35.10
C LEU D 48 13.99 9.47 -33.83
N ILE D 49 13.10 10.20 -33.17
CA ILE D 49 13.44 10.91 -31.94
C ILE D 49 12.36 10.68 -30.92
N TYR D 50 12.74 10.36 -29.70
CA TYR D 50 11.77 10.30 -28.61
C TYR D 50 12.03 11.44 -27.64
N SER D 51 10.98 11.77 -26.88
CA SER D 51 10.97 12.90 -25.95
C SER D 51 11.19 14.22 -26.67
N ALA D 52 11.08 14.23 -27.99
CA ALA D 52 11.17 15.42 -28.83
C ALA D 52 12.60 15.94 -28.93
N SER D 53 13.51 15.39 -28.15
CA SER D 53 14.90 15.80 -28.23
C SER D 53 15.84 14.66 -28.57
N SER D 54 15.78 13.56 -27.82
CA SER D 54 16.79 12.52 -27.93
C SER D 54 16.64 11.77 -29.23
N LEU D 55 17.66 11.85 -30.07
CA LEU D 55 17.69 11.04 -31.28
C LEU D 55 17.87 9.58 -30.90
N TYR D 56 17.12 8.71 -31.58
CA TYR D 56 17.21 7.29 -31.31
C TYR D 56 18.61 6.77 -31.66
N SER D 57 19.01 5.72 -30.97
CA SER D 57 20.28 5.06 -31.26
C SER D 57 20.15 4.31 -32.57
N GLY D 58 20.84 4.78 -33.60
CA GLY D 58 20.76 4.15 -34.90
C GLY D 58 20.31 5.11 -35.96
N VAL D 59 20.39 6.39 -35.68
CA VAL D 59 20.00 7.42 -36.65
C VAL D 59 21.15 8.40 -36.82
N PRO D 60 21.27 9.04 -37.99
CA PRO D 60 22.32 10.06 -38.16
C PRO D 60 21.92 11.35 -37.46
N SER D 61 22.88 11.96 -36.77
CA SER D 61 22.59 13.09 -35.90
C SER D 61 22.14 14.32 -36.68
N ARG D 62 22.06 14.22 -38.01
CA ARG D 62 21.58 15.36 -38.78
C ARG D 62 20.13 15.68 -38.48
N PHE D 63 19.35 14.70 -38.02
CA PHE D 63 18.03 15.01 -37.50
C PHE D 63 18.15 15.67 -36.13
N SER D 64 17.20 16.53 -35.83
CA SER D 64 17.13 17.19 -34.53
C SER D 64 15.73 17.75 -34.37
N GLY D 65 15.50 18.50 -33.31
CA GLY D 65 14.21 19.11 -33.09
C GLY D 65 14.13 19.62 -31.67
N SER D 66 13.09 20.41 -31.42
CA SER D 66 12.90 21.00 -30.10
C SER D 66 11.45 21.35 -29.89
N ARG D 67 11.14 21.89 -28.71
CA ARG D 67 9.74 22.20 -28.33
C ARG D 67 9.61 23.63 -27.79
N SER D 68 8.52 24.30 -28.17
CA SER D 68 8.22 25.66 -27.73
C SER D 68 6.71 25.70 -27.51
N GLY D 69 6.30 25.82 -26.25
CA GLY D 69 4.89 25.76 -25.94
C GLY D 69 4.28 24.48 -26.48
N THR D 70 3.09 24.60 -27.04
CA THR D 70 2.41 23.46 -27.63
C THR D 70 2.87 23.17 -29.03
N ASP D 71 3.99 23.72 -29.49
CA ASP D 71 4.44 23.54 -30.85
C ASP D 71 5.86 22.96 -30.85
N PHE D 72 5.99 21.74 -31.36
CA PHE D 72 7.29 21.11 -31.47
C PHE D 72 7.72 21.15 -32.93
N THR D 73 9.01 20.89 -33.17
CA THR D 73 9.51 20.97 -34.57
C THR D 73 10.83 20.21 -34.73
N LEU D 74 10.96 19.49 -35.84
CA LEU D 74 12.15 18.73 -36.16
C LEU D 74 12.80 19.33 -37.40
N THR D 75 14.05 18.96 -37.59
CA THR D 75 14.83 19.41 -38.74
C THR D 75 15.78 18.33 -39.20
N ILE D 76 16.01 18.31 -40.49
CA ILE D 76 17.09 17.57 -41.09
C ILE D 76 18.18 18.57 -41.47
N SER D 77 19.43 18.15 -41.34
CA SER D 77 20.55 19.05 -41.65
C SER D 77 20.92 18.99 -43.12
N SER D 78 20.71 17.85 -43.78
CA SER D 78 21.02 17.72 -45.20
C SER D 78 20.20 16.58 -45.77
N LEU D 79 19.28 16.89 -46.67
CA LEU D 79 18.40 15.88 -47.26
C LEU D 79 19.20 14.99 -48.20
N GLN D 80 19.61 13.83 -47.71
CA GLN D 80 20.10 12.78 -48.58
C GLN D 80 18.92 12.14 -49.29
N PRO D 81 19.16 11.40 -50.37
CA PRO D 81 18.05 10.67 -51.00
C PRO D 81 17.40 9.67 -50.08
N GLU D 82 18.16 9.10 -49.14
CA GLU D 82 17.59 8.18 -48.17
C GLU D 82 16.63 8.87 -47.21
N ASP D 83 16.71 10.20 -47.10
CA ASP D 83 15.87 10.94 -46.16
C ASP D 83 14.56 11.41 -46.78
N PHE D 84 14.39 11.30 -48.09
CA PHE D 84 13.15 11.68 -48.74
C PHE D 84 12.07 10.67 -48.39
N ALA D 85 11.20 11.03 -47.44
CA ALA D 85 10.14 10.13 -46.99
C ALA D 85 9.06 10.97 -46.33
N THR D 86 8.15 10.29 -45.62
CA THR D 86 7.10 10.94 -44.84
C THR D 86 7.50 10.95 -43.38
N TYR D 87 7.08 11.97 -42.65
CA TYR D 87 7.50 12.14 -41.26
C TYR D 87 6.28 12.44 -40.39
N TYR D 88 6.20 11.76 -39.25
CA TYR D 88 5.08 11.90 -38.33
C TYR D 88 5.55 12.37 -36.97
N CYS D 89 4.81 13.28 -36.37
CA CYS D 89 4.98 13.53 -34.95
C CYS D 89 3.84 12.86 -34.19
N GLN D 90 4.12 12.54 -32.93
CA GLN D 90 3.10 11.86 -32.13
C GLN D 90 3.39 12.11 -30.66
N GLN D 91 2.47 12.76 -29.97
CA GLN D 91 2.61 12.87 -28.53
C GLN D 91 2.21 11.55 -27.89
N TYR D 92 2.56 11.40 -26.62
CA TYR D 92 2.05 10.28 -25.86
C TYR D 92 1.63 10.60 -24.44
N LYS D 93 1.80 11.84 -23.97
CA LYS D 93 1.52 12.14 -22.57
C LYS D 93 0.11 11.77 -22.19
N TYR D 94 -0.84 11.93 -23.09
CA TYR D 94 -2.23 11.68 -22.79
C TYR D 94 -2.74 10.55 -23.67
N VAL D 95 -2.95 9.39 -23.08
CA VAL D 95 -3.71 8.33 -23.72
C VAL D 95 -5.03 8.93 -24.18
N PRO D 96 -5.46 8.68 -25.42
CA PRO D 96 -4.80 7.86 -26.42
C PRO D 96 -3.76 8.63 -27.20
N VAL D 97 -2.86 7.91 -27.85
CA VAL D 97 -1.67 8.51 -28.45
C VAL D 97 -2.00 8.86 -29.88
N THR D 98 -2.40 10.11 -30.09
CA THR D 98 -2.67 10.58 -31.43
C THR D 98 -1.38 10.98 -32.14
N PHE D 99 -1.37 10.82 -33.45
CA PHE D 99 -0.35 11.36 -34.31
C PHE D 99 -0.82 12.69 -34.87
N GLY D 100 -0.08 13.21 -35.84
CA GLY D 100 -0.51 14.37 -36.59
C GLY D 100 -0.93 13.99 -37.99
N GLN D 101 -1.40 14.99 -38.73
CA GLN D 101 -1.66 14.78 -40.15
C GLN D 101 -0.40 14.33 -40.88
N GLY D 102 0.77 14.59 -40.31
CA GLY D 102 2.02 14.17 -40.90
C GLY D 102 2.56 15.18 -41.88
N THR D 103 3.63 14.79 -42.55
CA THR D 103 4.28 15.66 -43.53
C THR D 103 5.10 14.79 -44.49
N LYS D 104 5.04 15.16 -45.77
CA LYS D 104 5.68 14.39 -46.83
C LYS D 104 6.71 15.25 -47.54
N VAL D 105 7.90 14.70 -47.75
CA VAL D 105 9.02 15.42 -48.34
C VAL D 105 9.08 15.07 -49.82
N GLU D 106 9.01 16.08 -50.68
CA GLU D 106 9.10 15.92 -52.12
C GLU D 106 10.40 16.51 -52.64
N ILE D 107 10.72 16.18 -53.89
CA ILE D 107 11.95 16.65 -54.51
C ILE D 107 11.73 18.05 -55.08
N LYS D 108 12.78 18.85 -55.08
CA LYS D 108 12.72 20.20 -55.63
C LYS D 108 12.55 20.14 -57.14
#